data_5G5A
#
_entry.id   5G5A
#
_cell.length_a   87.830
_cell.length_b   107.668
_cell.length_c   108.755
_cell.angle_alpha   90.00
_cell.angle_beta   90.00
_cell.angle_gamma   90.00
#
_symmetry.space_group_name_H-M   'P 21 21 21'
#
loop_
_entity.id
_entity.type
_entity.pdbx_description
1 polymer 'GLUTATHIONE S-TRANSFERASE U25'
2 non-polymer GLUTATHIONE
3 water water
#
_entity_poly.entity_id   1
_entity_poly.type   'polypeptide(L)'
_entity_poly.pdbx_seq_one_letter_code
;MADEVILLDFWPSMFGMRTRIALEEKNVKFDYREQDLWNKSPILLEMNPVHKKIPVLIHNGNPVCESLIQIEYIDEVWPS
KTPLLPSDPYQRAQAKFWGDFIDKKVYASARLIWGAKGEEHEAGKKEFIEILKTLESELGDKTYFGGETFGYVDIALIGF
YSWFEAYEKFGSFSIEAECPKLIAWGKRCVERESVAKSLPDSEKIIKFVPELRKKLGIEIE
;
_entity_poly.pdbx_strand_id   A,B,C,D
#
loop_
_chem_comp.id
_chem_comp.type
_chem_comp.name
_chem_comp.formula
GSH non-polymer GLUTATHIONE 'C10 H17 N3 O6 S'
#
# COMPACT_ATOMS: atom_id res chain seq x y z
N ALA A 2 27.39 7.02 21.60
CA ALA A 2 26.35 6.31 22.41
C ALA A 2 25.25 5.47 21.67
N ASP A 3 24.75 5.82 20.47
CA ASP A 3 24.16 4.75 19.57
C ASP A 3 25.33 3.83 19.19
N GLU A 4 25.36 2.58 19.69
CA GLU A 4 26.50 1.73 19.62
C GLU A 4 26.23 0.70 18.52
N VAL A 5 27.20 0.57 17.63
CA VAL A 5 27.18 -0.43 16.59
C VAL A 5 28.51 -1.16 16.58
N ILE A 6 28.42 -2.47 16.79
CA ILE A 6 29.56 -3.35 16.79
C ILE A 6 29.35 -4.32 15.65
N LEU A 7 30.43 -4.61 14.93
CA LEU A 7 30.40 -5.66 13.89
C LEU A 7 31.46 -6.71 14.18
N LEU A 8 31.01 -7.91 14.55
CA LEU A 8 31.85 -9.03 14.69
C LEU A 8 32.08 -9.62 13.26
N ASP A 9 33.35 -9.80 12.84
CA ASP A 9 33.66 -10.11 11.44
C ASP A 9 34.99 -10.79 11.33
N PHE A 10 35.29 -11.24 10.12
CA PHE A 10 36.50 -11.98 9.80
C PHE A 10 36.91 -11.35 8.47
N TRP A 11 38.15 -10.82 8.41
CA TRP A 11 38.55 -9.91 7.32
C TRP A 11 38.22 -10.35 5.88
N PRO A 12 38.48 -11.60 5.47
CA PRO A 12 38.26 -11.94 4.07
C PRO A 12 36.84 -12.47 3.75
N SER A 13 35.92 -12.35 4.72
CA SER A 13 34.58 -12.81 4.52
C SER A 13 33.79 -11.90 3.61
N MET A 14 33.38 -12.42 2.44
CA MET A 14 32.54 -11.64 1.53
C MET A 14 31.20 -11.34 2.15
N PHE A 15 30.81 -12.12 3.17
CA PHE A 15 29.50 -11.92 3.86
C PHE A 15 29.59 -10.75 4.82
N GLY A 16 30.64 -10.71 5.61
CA GLY A 16 30.92 -9.57 6.48
C GLY A 16 31.11 -8.28 5.69
N MET A 17 31.74 -8.39 4.54
CA MET A 17 31.95 -7.18 3.67
C MET A 17 30.65 -6.49 3.36
N ARG A 18 29.57 -7.30 3.20
CA ARG A 18 28.28 -6.73 2.91
C ARG A 18 27.78 -5.76 3.98
N THR A 19 27.93 -6.16 5.23
CA THR A 19 27.52 -5.32 6.32
C THR A 19 28.49 -4.14 6.56
N ARG A 20 29.78 -4.32 6.33
CA ARG A 20 30.73 -3.16 6.33
C ARG A 20 30.27 -2.14 5.33
N ILE A 21 29.93 -2.59 4.11
CA ILE A 21 29.57 -1.67 3.04
C ILE A 21 28.27 -0.96 3.34
N ALA A 22 27.28 -1.70 3.83
CA ALA A 22 25.98 -1.08 4.10
C ALA A 22 26.13 -0.01 5.16
N LEU A 23 26.87 -0.32 6.20
CA LEU A 23 27.14 0.67 7.23
C LEU A 23 27.83 1.92 6.69
N GLU A 24 28.85 1.71 5.87
CA GLU A 24 29.60 2.85 5.25
C GLU A 24 28.71 3.65 4.36
N GLU A 25 27.83 3.01 3.60
CA GLU A 25 26.88 3.73 2.78
C GLU A 25 25.92 4.64 3.54
N LYS A 26 25.54 4.23 4.72
CA LYS A 26 24.66 5.02 5.62
C LYS A 26 25.47 6.02 6.51
N ASN A 27 26.78 6.04 6.35
CA ASN A 27 27.63 6.88 7.21
C ASN A 27 27.42 6.55 8.66
N VAL A 28 27.31 5.27 9.01
CA VAL A 28 27.18 4.87 10.40
C VAL A 28 28.53 4.51 10.96
N LYS A 29 28.87 5.10 12.11
CA LYS A 29 30.13 4.81 12.78
C LYS A 29 29.97 3.47 13.47
N PHE A 30 30.90 2.57 13.27
CA PHE A 30 30.83 1.26 13.94
C PHE A 30 32.17 0.78 14.42
N ASP A 31 32.14 -0.11 15.36
CA ASP A 31 33.30 -0.79 15.86
C ASP A 31 33.51 -2.16 15.26
N TYR A 32 34.54 -2.28 14.42
CA TYR A 32 34.85 -3.53 13.78
C TYR A 32 35.66 -4.37 14.73
N ARG A 33 35.24 -5.58 14.98
CA ARG A 33 35.97 -6.58 15.88
C ARG A 33 36.30 -7.88 15.20
N GLU A 34 37.57 -8.06 14.85
CA GLU A 34 38.05 -9.26 14.17
C GLU A 34 37.88 -10.48 15.03
N GLN A 35 37.31 -11.53 14.46
CA GLN A 35 37.10 -12.74 15.16
C GLN A 35 38.04 -13.84 14.66
N ASP A 36 38.43 -14.73 15.58
CA ASP A 36 39.12 -15.97 15.27
C ASP A 36 38.07 -17.10 15.26
N LEU A 37 37.74 -17.57 14.07
CA LEU A 37 36.71 -18.57 13.91
C LEU A 37 37.18 -20.01 14.34
N TRP A 38 38.48 -20.18 14.59
CA TRP A 38 39.07 -21.42 15.14
C TRP A 38 39.24 -21.34 16.66
N ASN A 39 38.87 -20.19 17.27
CA ASN A 39 38.83 -20.08 18.72
C ASN A 39 37.77 -19.07 19.06
N LYS A 40 36.51 -19.48 18.93
CA LYS A 40 35.41 -18.50 18.90
C LYS A 40 35.32 -17.81 20.25
N SER A 41 35.11 -16.51 20.17
CA SER A 41 35.04 -15.66 21.32
C SER A 41 33.74 -15.83 22.10
N PRO A 42 33.79 -15.52 23.40
CA PRO A 42 32.52 -15.44 24.15
C PRO A 42 31.41 -14.57 23.56
N ILE A 43 31.77 -13.36 23.10
CA ILE A 43 30.80 -12.47 22.53
C ILE A 43 30.14 -13.05 21.24
N LEU A 44 30.92 -13.75 20.42
CA LEU A 44 30.36 -14.37 19.23
C LEU A 44 29.41 -15.49 19.61
N LEU A 45 29.87 -16.33 20.54
CA LEU A 45 29.02 -17.42 21.05
C LEU A 45 27.76 -16.96 21.79
N GLU A 46 27.82 -15.82 22.45
CA GLU A 46 26.64 -15.22 23.13
C GLU A 46 25.66 -14.58 22.13
N MET A 47 26.20 -13.91 21.13
CA MET A 47 25.38 -13.11 20.18
C MET A 47 24.78 -13.91 19.00
N ASN A 48 25.41 -15.00 18.60
CA ASN A 48 24.92 -15.86 17.55
C ASN A 48 24.95 -17.32 18.06
N PRO A 49 24.11 -17.62 19.05
CA PRO A 49 24.21 -18.96 19.66
C PRO A 49 23.70 -20.04 18.73
N VAL A 50 22.81 -19.67 17.82
CA VAL A 50 22.25 -20.67 16.96
C VAL A 50 23.26 -21.13 15.91
N HIS A 51 23.87 -20.21 15.18
CA HIS A 51 24.78 -20.61 14.13
C HIS A 51 26.28 -20.45 14.42
N LYS A 52 26.62 -19.56 15.34
CA LYS A 52 28.00 -19.29 15.79
C LYS A 52 28.88 -18.80 14.61
N LYS A 53 28.28 -17.92 13.79
CA LYS A 53 28.91 -17.41 12.62
C LYS A 53 28.99 -15.88 12.64
N ILE A 54 29.98 -15.36 11.89
CA ILE A 54 30.06 -13.94 11.56
C ILE A 54 29.42 -13.75 10.18
N PRO A 55 29.01 -12.53 9.82
CA PRO A 55 29.03 -11.33 10.64
C PRO A 55 27.90 -11.33 11.64
N VAL A 56 28.12 -10.65 12.74
CA VAL A 56 27.09 -10.34 13.64
C VAL A 56 27.11 -8.85 13.83
N LEU A 57 25.97 -8.23 13.66
CA LEU A 57 25.78 -6.80 13.92
C LEU A 57 25.10 -6.63 15.25
N ILE A 58 25.73 -5.88 16.17
CA ILE A 58 25.18 -5.69 17.48
C ILE A 58 24.84 -4.21 17.60
N HIS A 59 23.57 -3.94 17.75
CA HIS A 59 23.09 -2.53 17.81
C HIS A 59 22.48 -2.25 19.16
N ASN A 60 23.19 -1.42 19.95
CA ASN A 60 22.83 -1.15 21.35
C ASN A 60 22.59 -2.42 22.13
N GLY A 61 23.53 -3.36 22.00
CA GLY A 61 23.45 -4.64 22.64
C GLY A 61 22.57 -5.73 22.05
N ASN A 62 21.79 -5.44 20.97
CA ASN A 62 20.86 -6.35 20.34
C ASN A 62 21.49 -6.96 19.04
N PRO A 63 21.70 -8.29 19.00
CA PRO A 63 22.41 -8.85 17.82
C PRO A 63 21.41 -9.09 16.67
N VAL A 64 21.90 -8.86 15.45
CA VAL A 64 21.17 -9.16 14.21
C VAL A 64 22.13 -10.07 13.41
N CYS A 65 21.71 -11.31 13.20
CA CYS A 65 22.48 -12.29 12.44
C CYS A 65 21.98 -12.41 11.00
N GLU A 66 22.86 -12.94 10.15
CA GLU A 66 22.67 -13.12 8.70
C GLU A 66 22.86 -11.81 7.88
N SER A 67 23.87 -11.84 7.04
CA SER A 67 24.33 -10.65 6.36
C SER A 67 23.22 -9.96 5.59
N LEU A 68 22.38 -10.71 4.83
CA LEU A 68 21.38 -9.98 4.04
C LEU A 68 20.30 -9.36 4.99
N ILE A 69 20.02 -10.07 6.04
CA ILE A 69 19.05 -9.57 7.08
C ILE A 69 19.62 -8.28 7.70
N GLN A 70 20.92 -8.28 7.94
CA GLN A 70 21.60 -7.05 8.47
C GLN A 70 21.54 -5.85 7.48
N ILE A 71 21.74 -6.05 6.18
CA ILE A 71 21.60 -4.98 5.14
C ILE A 71 20.20 -4.41 5.24
N GLU A 72 19.19 -5.26 5.34
CA GLU A 72 17.81 -4.76 5.38
C GLU A 72 17.47 -4.00 6.66
N TYR A 73 17.95 -4.52 7.80
CA TYR A 73 17.80 -3.89 9.07
C TYR A 73 18.49 -2.49 9.03
N ILE A 74 19.69 -2.43 8.47
CA ILE A 74 20.40 -1.18 8.30
C ILE A 74 19.60 -0.21 7.46
N ASP A 75 19.04 -0.68 6.36
CA ASP A 75 18.31 0.19 5.48
C ASP A 75 17.08 0.78 6.14
N GLU A 76 16.45 0.01 7.02
CA GLU A 76 15.20 0.42 7.69
C GLU A 76 15.51 1.36 8.88
N VAL A 77 16.62 1.13 9.55
CA VAL A 77 16.93 1.83 10.79
C VAL A 77 17.59 3.22 10.52
N TRP A 78 18.39 3.30 9.47
CA TRP A 78 19.04 4.54 9.05
C TRP A 78 18.39 4.86 7.68
N PRO A 79 17.16 5.32 7.61
CA PRO A 79 16.56 5.50 6.28
C PRO A 79 17.26 6.65 5.55
N SER A 80 17.23 6.64 4.20
CA SER A 80 17.83 7.75 3.43
C SER A 80 17.06 8.08 2.16
N LYS A 81 17.41 9.22 1.57
CA LYS A 81 16.80 9.67 0.29
C LYS A 81 17.00 8.61 -0.79
N THR A 82 18.20 8.07 -0.85
CA THR A 82 18.46 6.89 -1.65
C THR A 82 18.55 5.50 -0.89
N PRO A 83 17.44 4.73 -0.88
CA PRO A 83 17.41 3.50 -0.07
C PRO A 83 18.16 2.34 -0.73
N LEU A 84 18.66 1.42 0.08
CA LEU A 84 19.39 0.24 -0.48
C LEU A 84 18.38 -0.72 -1.12
N LEU A 85 17.18 -0.74 -0.56
CA LEU A 85 16.07 -1.55 -1.08
C LEU A 85 14.98 -0.67 -1.59
N PRO A 86 14.38 -1.00 -2.76
CA PRO A 86 13.31 -0.15 -3.31
C PRO A 86 12.06 -0.19 -2.45
N SER A 87 11.24 0.84 -2.52
CA SER A 87 10.03 0.79 -1.69
C SER A 87 8.92 0.05 -2.40
N ASP A 88 8.92 0.09 -3.75
CA ASP A 88 7.94 -0.63 -4.55
C ASP A 88 7.96 -2.16 -4.17
N PRO A 89 6.85 -2.70 -3.74
CA PRO A 89 6.93 -4.11 -3.25
C PRO A 89 7.41 -5.12 -4.30
N TYR A 90 7.01 -4.97 -5.53
CA TYR A 90 7.48 -5.93 -6.56
C TYR A 90 8.95 -5.81 -6.77
N GLN A 91 9.48 -4.59 -6.88
CA GLN A 91 10.93 -4.40 -7.10
C GLN A 91 11.72 -4.86 -5.87
N ARG A 92 11.12 -4.73 -4.69
CA ARG A 92 11.76 -5.19 -3.46
C ARG A 92 11.88 -6.72 -3.48
N ALA A 93 10.80 -7.39 -3.90
CA ALA A 93 10.79 -8.84 -4.00
C ALA A 93 11.81 -9.34 -4.98
N GLN A 94 11.98 -8.63 -6.10
CA GLN A 94 13.04 -9.02 -7.08
C GLN A 94 14.40 -8.83 -6.52
N ALA A 95 14.67 -7.78 -5.76
CA ALA A 95 15.98 -7.60 -5.10
C ALA A 95 16.21 -8.71 -4.13
N LYS A 96 15.19 -9.04 -3.35
CA LYS A 96 15.36 -10.17 -2.40
C LYS A 96 15.63 -11.51 -3.10
N PHE A 97 14.95 -11.76 -4.22
CA PHE A 97 15.17 -12.91 -5.00
C PHE A 97 16.64 -13.08 -5.38
N TRP A 98 17.23 -11.99 -5.91
CA TRP A 98 18.66 -12.03 -6.36
C TRP A 98 19.65 -12.14 -5.20
N GLY A 99 19.38 -11.52 -4.06
CA GLY A 99 20.14 -11.78 -2.87
C GLY A 99 20.11 -13.24 -2.44
N ASP A 100 18.93 -13.86 -2.44
CA ASP A 100 18.75 -15.27 -2.09
C ASP A 100 19.56 -16.14 -3.09
N PHE A 101 19.47 -15.78 -4.38
CA PHE A 101 20.17 -16.51 -5.44
C PHE A 101 21.68 -16.48 -5.14
N ILE A 102 22.22 -15.33 -4.77
CA ILE A 102 23.66 -15.16 -4.55
C ILE A 102 24.06 -15.99 -3.35
N ASP A 103 23.30 -15.96 -2.28
CA ASP A 103 23.57 -16.77 -1.12
C ASP A 103 23.53 -18.25 -1.37
N LYS A 104 22.61 -18.70 -2.20
CA LYS A 104 22.54 -20.11 -2.53
C LYS A 104 23.59 -20.63 -3.45
N LYS A 105 24.05 -19.83 -4.39
CA LYS A 105 24.80 -20.35 -5.51
C LYS A 105 26.24 -20.00 -5.53
N VAL A 106 26.62 -18.76 -5.21
CA VAL A 106 27.96 -18.27 -5.64
C VAL A 106 29.07 -18.97 -4.81
N TYR A 107 28.98 -18.90 -3.49
CA TYR A 107 30.03 -19.38 -2.63
C TYR A 107 30.31 -20.86 -2.85
N ALA A 108 29.25 -21.66 -2.94
CA ALA A 108 29.47 -23.10 -3.02
C ALA A 108 30.30 -23.49 -4.29
N SER A 109 30.00 -22.90 -5.43
CA SER A 109 30.80 -23.15 -6.62
CA SER A 109 30.81 -23.16 -6.62
C SER A 109 32.19 -22.54 -6.53
N ALA A 110 32.28 -21.31 -6.05
CA ALA A 110 33.56 -20.59 -5.89
C ALA A 110 34.54 -21.36 -5.01
N ARG A 111 34.01 -22.00 -3.99
CA ARG A 111 34.82 -22.73 -3.04
C ARG A 111 35.55 -23.91 -3.70
N LEU A 112 34.94 -24.49 -4.70
CA LEU A 112 35.54 -25.59 -5.50
C LEU A 112 36.68 -25.17 -6.42
N ILE A 113 36.77 -23.86 -6.68
CA ILE A 113 37.83 -23.34 -7.49
C ILE A 113 39.13 -23.37 -6.69
N TRP A 114 39.13 -22.77 -5.53
CA TRP A 114 40.38 -22.68 -4.77
C TRP A 114 40.53 -23.82 -3.75
N GLY A 115 39.47 -24.56 -3.47
CA GLY A 115 39.42 -25.48 -2.35
C GLY A 115 39.16 -26.92 -2.70
N ALA A 116 39.27 -27.23 -3.98
CA ALA A 116 39.17 -28.59 -4.46
C ALA A 116 40.11 -28.80 -5.64
N LYS A 117 40.25 -30.07 -6.01
CA LYS A 117 41.12 -30.51 -7.14
C LYS A 117 40.32 -31.46 -8.02
N GLY A 118 40.77 -31.67 -9.24
CA GLY A 118 40.19 -32.73 -10.10
C GLY A 118 38.83 -32.38 -10.74
N GLU A 119 37.99 -33.42 -10.91
CA GLU A 119 36.70 -33.38 -11.62
C GLU A 119 35.73 -32.36 -10.97
N GLU A 120 35.66 -32.45 -9.64
CA GLU A 120 34.90 -31.56 -8.74
C GLU A 120 35.26 -30.08 -8.92
N HIS A 121 36.56 -29.83 -8.98
CA HIS A 121 37.14 -28.52 -9.22
C HIS A 121 36.70 -27.99 -10.57
N GLU A 122 36.77 -28.83 -11.62
CA GLU A 122 36.51 -28.33 -12.98
C GLU A 122 35.02 -28.07 -13.14
N ALA A 123 34.20 -28.95 -12.54
CA ALA A 123 32.72 -28.79 -12.52
C ALA A 123 32.30 -27.55 -11.72
N GLY A 124 32.98 -27.29 -10.63
CA GLY A 124 32.82 -26.02 -9.87
C GLY A 124 33.18 -24.76 -10.63
N LYS A 125 34.29 -24.75 -11.39
CA LYS A 125 34.61 -23.64 -12.24
C LYS A 125 33.54 -23.38 -13.30
N LYS A 126 33.05 -24.48 -13.92
CA LYS A 126 32.03 -24.35 -14.97
C LYS A 126 30.73 -23.75 -14.40
N GLU A 127 30.31 -24.27 -13.29
CA GLU A 127 29.09 -23.81 -12.65
C GLU A 127 29.22 -22.37 -12.16
N PHE A 128 30.36 -22.00 -11.54
CA PHE A 128 30.64 -20.66 -11.10
C PHE A 128 30.51 -19.67 -12.28
N ILE A 129 31.08 -20.01 -13.43
CA ILE A 129 30.94 -19.12 -14.61
C ILE A 129 29.47 -18.99 -15.13
N GLU A 130 28.74 -20.08 -15.11
CA GLU A 130 27.33 -20.02 -15.48
C GLU A 130 26.53 -19.13 -14.51
N ILE A 131 26.81 -19.27 -13.21
CA ILE A 131 26.14 -18.44 -12.17
C ILE A 131 26.47 -16.96 -12.43
N LEU A 132 27.74 -16.64 -12.73
CA LEU A 132 28.07 -15.24 -13.06
C LEU A 132 27.40 -14.73 -14.29
N LYS A 133 27.27 -15.57 -15.28
CA LYS A 133 26.55 -15.16 -16.51
C LYS A 133 25.09 -14.92 -16.24
N THR A 134 24.49 -15.71 -15.34
CA THR A 134 23.08 -15.45 -14.92
C THR A 134 22.93 -14.10 -14.22
N LEU A 135 23.87 -13.78 -13.32
CA LEU A 135 23.91 -12.45 -12.69
C LEU A 135 24.18 -11.35 -13.71
N GLU A 136 25.13 -11.57 -14.62
CA GLU A 136 25.43 -10.55 -15.65
C GLU A 136 24.21 -10.29 -16.53
N SER A 137 23.46 -11.34 -16.87
CA SER A 137 22.21 -11.14 -17.63
C SER A 137 21.17 -10.33 -16.87
N GLU A 138 21.06 -10.58 -15.57
CA GLU A 138 20.14 -9.75 -14.72
C GLU A 138 20.56 -8.28 -14.69
N LEU A 139 21.88 -8.03 -14.51
CA LEU A 139 22.40 -6.67 -14.51
C LEU A 139 22.06 -5.95 -15.83
N GLY A 140 22.23 -6.68 -16.91
CA GLY A 140 21.96 -6.11 -18.26
C GLY A 140 22.89 -4.94 -18.49
N ASP A 141 22.30 -3.82 -18.90
CA ASP A 141 23.04 -2.62 -19.28
C ASP A 141 22.94 -1.55 -18.24
N LYS A 142 22.42 -1.91 -17.05
CA LYS A 142 22.32 -0.97 -15.95
C LYS A 142 23.63 -0.68 -15.27
N THR A 143 23.71 0.51 -14.64
CA THR A 143 24.90 0.90 -13.94
C THR A 143 25.14 -0.04 -12.73
N TYR A 144 24.08 -0.28 -11.96
CA TYR A 144 24.10 -1.19 -10.82
C TYR A 144 22.97 -2.20 -10.94
N PHE A 145 23.02 -3.25 -10.12
CA PHE A 145 21.87 -4.15 -10.01
C PHE A 145 20.69 -3.40 -9.50
N GLY A 146 20.94 -2.38 -8.68
CA GLY A 146 19.92 -1.49 -8.20
C GLY A 146 19.56 -0.36 -9.16
N GLY A 147 20.01 -0.44 -10.39
CA GLY A 147 19.56 0.48 -11.50
C GLY A 147 20.52 1.63 -11.48
N GLU A 148 20.03 2.80 -11.23
CA GLU A 148 20.86 3.98 -11.07
C GLU A 148 21.45 4.10 -9.69
N THR A 149 20.93 3.37 -8.71
CA THR A 149 21.45 3.49 -7.38
C THR A 149 22.07 2.15 -6.96
N PHE A 150 23.17 2.24 -6.22
CA PHE A 150 23.92 1.14 -5.61
C PHE A 150 23.12 0.62 -4.48
N GLY A 151 22.70 -0.62 -4.63
CA GLY A 151 21.76 -1.22 -3.72
C GLY A 151 22.06 -2.60 -3.18
N TYR A 152 21.01 -3.15 -2.53
CA TYR A 152 21.02 -4.43 -1.86
C TYR A 152 21.71 -5.52 -2.66
N VAL A 153 21.29 -5.73 -3.90
CA VAL A 153 21.87 -6.79 -4.71
C VAL A 153 23.36 -6.48 -5.01
N ASP A 154 23.68 -5.26 -5.30
CA ASP A 154 25.14 -4.89 -5.50
C ASP A 154 25.98 -5.24 -4.28
N ILE A 155 25.48 -4.88 -3.12
CA ILE A 155 26.16 -5.13 -1.88
C ILE A 155 26.27 -6.65 -1.64
N ALA A 156 25.21 -7.40 -2.03
CA ALA A 156 25.23 -8.83 -1.85
C ALA A 156 26.36 -9.52 -2.64
N LEU A 157 26.64 -8.98 -3.80
CA LEU A 157 27.58 -9.60 -4.74
C LEU A 157 29.03 -9.05 -4.63
N ILE A 158 29.16 -7.78 -4.24
CA ILE A 158 30.47 -7.10 -4.49
C ILE A 158 31.60 -7.63 -3.59
N GLY A 159 31.30 -8.15 -2.41
CA GLY A 159 32.34 -8.81 -1.59
C GLY A 159 33.06 -9.92 -2.27
N PHE A 160 32.32 -10.69 -3.09
CA PHE A 160 32.92 -11.73 -3.88
C PHE A 160 33.95 -11.18 -4.87
N TYR A 161 33.72 -9.98 -5.39
CA TYR A 161 34.67 -9.35 -6.33
C TYR A 161 36.11 -9.29 -5.79
N SER A 162 36.28 -9.04 -4.51
CA SER A 162 37.59 -9.01 -3.89
C SER A 162 38.35 -10.32 -4.09
N TRP A 163 37.61 -11.44 -4.17
CA TRP A 163 38.17 -12.75 -4.41
C TRP A 163 38.36 -13.10 -5.90
N PHE A 164 37.95 -12.23 -6.84
CA PHE A 164 38.03 -12.61 -8.26
C PHE A 164 39.45 -12.90 -8.72
N GLU A 165 40.40 -12.13 -8.22
CA GLU A 165 41.82 -12.37 -8.62
C GLU A 165 42.28 -13.75 -8.13
N ALA A 166 41.92 -14.09 -6.91
CA ALA A 166 42.15 -15.43 -6.40
C ALA A 166 41.45 -16.58 -7.17
N TYR A 167 40.21 -16.35 -7.62
CA TYR A 167 39.51 -17.37 -8.35
C TYR A 167 40.20 -17.56 -9.73
N GLU A 168 40.63 -16.46 -10.37
CA GLU A 168 41.31 -16.51 -11.68
C GLU A 168 42.65 -17.27 -11.52
N LYS A 169 43.39 -16.97 -10.46
CA LYS A 169 44.68 -17.58 -10.22
C LYS A 169 44.48 -19.03 -9.97
N PHE A 170 43.62 -19.39 -9.01
CA PHE A 170 43.51 -20.82 -8.63
C PHE A 170 42.71 -21.67 -9.60
N GLY A 171 41.95 -21.01 -10.48
CA GLY A 171 41.17 -21.73 -11.45
C GLY A 171 41.73 -21.58 -12.86
N SER A 172 42.86 -20.86 -12.99
CA SER A 172 43.56 -20.58 -14.27
C SER A 172 42.62 -20.19 -15.35
N PHE A 173 41.88 -19.13 -15.11
CA PHE A 173 40.89 -18.69 -16.07
C PHE A 173 40.67 -17.19 -15.90
N SER A 174 39.95 -16.59 -16.83
CA SER A 174 39.70 -15.14 -16.81
C SER A 174 38.21 -14.80 -16.75
N ILE A 175 37.81 -14.06 -15.70
CA ILE A 175 36.36 -13.76 -15.51
C ILE A 175 36.03 -12.65 -16.46
N GLU A 176 36.97 -11.74 -16.68
CA GLU A 176 36.77 -10.65 -17.61
C GLU A 176 36.50 -11.13 -19.04
N ALA A 177 37.14 -12.21 -19.43
CA ALA A 177 36.88 -12.82 -20.75
C ALA A 177 35.47 -13.39 -20.86
N GLU A 178 34.97 -13.97 -19.79
CA GLU A 178 33.64 -14.58 -19.79
C GLU A 178 32.51 -13.58 -19.55
N CYS A 179 32.75 -12.62 -18.66
CA CYS A 179 31.70 -11.66 -18.19
C CYS A 179 32.28 -10.25 -18.16
N PRO A 180 32.56 -9.65 -19.35
CA PRO A 180 33.09 -8.30 -19.33
C PRO A 180 32.19 -7.27 -18.67
N LYS A 181 30.88 -7.40 -18.78
CA LYS A 181 29.99 -6.38 -18.20
C LYS A 181 29.95 -6.48 -16.71
N LEU A 182 30.08 -7.68 -16.16
CA LEU A 182 30.11 -7.85 -14.73
C LEU A 182 31.40 -7.25 -14.18
N ILE A 183 32.49 -7.42 -14.92
CA ILE A 183 33.75 -6.74 -14.54
C ILE A 183 33.68 -5.25 -14.54
N ALA A 184 33.04 -4.67 -15.55
CA ALA A 184 32.85 -3.21 -15.62
C ALA A 184 32.07 -2.74 -14.42
N TRP A 185 31.01 -3.52 -14.07
CA TRP A 185 30.21 -3.23 -12.86
C TRP A 185 31.07 -3.25 -11.58
N GLY A 186 31.89 -4.27 -11.43
CA GLY A 186 32.73 -4.42 -10.25
C GLY A 186 33.75 -3.26 -10.12
N LYS A 187 34.32 -2.86 -11.25
CA LYS A 187 35.19 -1.62 -11.27
C LYS A 187 34.48 -0.35 -10.89
N ARG A 188 33.25 -0.21 -11.33
CA ARG A 188 32.45 0.91 -10.91
C ARG A 188 32.16 0.92 -9.43
N CYS A 189 31.75 -0.22 -8.89
CA CYS A 189 31.49 -0.28 -7.46
C CYS A 189 32.74 -0.03 -6.56
N VAL A 190 33.87 -0.52 -6.96
CA VAL A 190 35.13 -0.27 -6.20
C VAL A 190 35.57 1.22 -6.14
N GLU A 191 35.02 2.07 -7.02
CA GLU A 191 35.18 3.53 -6.95
C GLU A 191 34.40 4.15 -5.88
N ARG A 192 33.39 3.45 -5.36
CA ARG A 192 32.69 4.00 -4.24
C ARG A 192 33.49 3.88 -2.99
N GLU A 193 33.49 4.94 -2.19
CA GLU A 193 34.22 4.99 -0.92
C GLU A 193 33.90 3.80 0.02
N SER A 194 32.60 3.46 0.13
CA SER A 194 32.13 2.40 1.02
C SER A 194 32.78 1.10 0.65
N VAL A 195 32.88 0.87 -0.63
CA VAL A 195 33.44 -0.41 -1.14
C VAL A 195 34.95 -0.43 -1.04
N ALA A 196 35.59 0.65 -1.44
CA ALA A 196 37.07 0.70 -1.41
C ALA A 196 37.59 0.56 0.04
N LYS A 197 36.86 1.07 1.00
CA LYS A 197 37.20 0.98 2.42
C LYS A 197 37.04 -0.45 2.95
N SER A 198 36.02 -1.15 2.45
CA SER A 198 35.54 -2.38 3.10
C SER A 198 36.16 -3.64 2.55
N LEU A 199 36.56 -3.62 1.27
CA LEU A 199 37.14 -4.81 0.62
C LEU A 199 38.66 -4.93 0.93
N PRO A 200 39.12 -6.11 1.29
CA PRO A 200 40.57 -6.25 1.40
C PRO A 200 41.20 -6.17 0.04
N ASP A 201 42.51 -5.89 0.06
CA ASP A 201 43.31 -5.98 -1.15
C ASP A 201 43.23 -7.39 -1.77
N SER A 202 43.05 -7.48 -3.08
CA SER A 202 42.95 -8.75 -3.79
C SER A 202 44.18 -9.66 -3.65
N GLU A 203 45.35 -9.04 -3.58
CA GLU A 203 46.59 -9.80 -3.37
C GLU A 203 46.69 -10.36 -1.96
N LYS A 204 46.18 -9.63 -0.98
CA LYS A 204 46.14 -10.14 0.38
C LYS A 204 45.33 -11.44 0.47
N ILE A 205 44.20 -11.45 -0.22
CA ILE A 205 43.37 -12.69 -0.32
C ILE A 205 44.17 -13.83 -1.00
N ILE A 206 44.79 -13.53 -2.14
CA ILE A 206 45.62 -14.52 -2.82
C ILE A 206 46.64 -15.10 -1.85
N LYS A 207 47.33 -14.22 -1.13
CA LYS A 207 48.42 -14.67 -0.20
C LYS A 207 47.91 -15.55 0.89
N PHE A 208 46.66 -15.34 1.30
CA PHE A 208 46.03 -16.03 2.42
C PHE A 208 45.49 -17.41 2.06
N VAL A 209 45.24 -17.68 0.78
CA VAL A 209 44.62 -18.96 0.40
C VAL A 209 45.40 -20.19 0.90
N PRO A 210 46.73 -20.22 0.70
CA PRO A 210 47.43 -21.41 1.18
C PRO A 210 47.27 -21.66 2.66
N GLU A 211 47.39 -20.60 3.48
CA GLU A 211 47.16 -20.72 4.92
C GLU A 211 45.74 -21.16 5.22
N LEU A 212 44.80 -20.56 4.52
CA LEU A 212 43.42 -20.90 4.72
C LEU A 212 43.14 -22.38 4.39
N ARG A 213 43.67 -22.83 3.25
CA ARG A 213 43.56 -24.22 2.88
C ARG A 213 44.00 -25.12 4.05
N LYS A 214 45.15 -24.82 4.65
CA LYS A 214 45.71 -25.65 5.79
C LYS A 214 44.73 -25.63 6.97
N LYS A 215 44.23 -24.44 7.32
CA LYS A 215 43.28 -24.31 8.40
C LYS A 215 41.96 -25.08 8.18
N LEU A 216 41.54 -25.23 6.93
CA LEU A 216 40.34 -25.95 6.53
C LEU A 216 40.59 -27.45 6.18
N GLY A 217 41.83 -27.90 6.31
CA GLY A 217 42.21 -29.30 6.12
C GLY A 217 42.25 -29.68 4.65
N ILE A 218 42.48 -28.71 3.78
CA ILE A 218 42.45 -28.94 2.34
C ILE A 218 43.93 -29.12 1.96
N GLU A 219 44.26 -30.20 1.30
CA GLU A 219 45.66 -30.45 0.86
C GLU A 219 45.81 -30.29 -0.66
N ILE A 220 46.51 -29.25 -1.12
CA ILE A 220 46.60 -29.03 -2.58
C ILE A 220 48.02 -28.93 -3.14
N ALA B 2 -9.55 -4.76 -12.27
CA ALA B 2 -9.16 -6.17 -12.22
C ALA B 2 -7.95 -6.34 -11.31
N ASP B 3 -7.97 -7.45 -10.61
CA ASP B 3 -6.83 -7.85 -9.85
C ASP B 3 -6.77 -9.35 -9.96
N GLU B 4 -5.68 -9.86 -10.52
CA GLU B 4 -5.55 -11.31 -10.72
C GLU B 4 -4.36 -11.88 -9.94
N VAL B 5 -4.63 -12.94 -9.20
CA VAL B 5 -3.62 -13.59 -8.38
C VAL B 5 -3.72 -15.09 -8.68
N ILE B 6 -2.65 -15.58 -9.23
CA ILE B 6 -2.53 -16.96 -9.59
C ILE B 6 -1.42 -17.59 -8.74
N LEU B 7 -1.70 -18.80 -8.25
CA LEU B 7 -0.68 -19.50 -7.43
C LEU B 7 -0.40 -20.86 -8.05
N LEU B 8 0.80 -20.98 -8.63
CA LEU B 8 1.29 -22.28 -9.18
C LEU B 8 1.86 -23.06 -8.04
N ASP B 9 1.39 -24.28 -7.81
CA ASP B 9 1.67 -24.97 -6.55
C ASP B 9 1.56 -26.46 -6.75
N PHE B 10 1.88 -27.18 -5.70
CA PHE B 10 1.83 -28.66 -5.67
C PHE B 10 1.28 -29.04 -4.31
N TRP B 11 0.15 -29.79 -4.27
CA TRP B 11 -0.73 -29.86 -3.08
C TRP B 11 -0.03 -30.21 -1.75
N PRO B 12 0.92 -31.16 -1.69
CA PRO B 12 1.55 -31.45 -0.43
C PRO B 12 2.79 -30.64 -0.07
N SER B 13 3.09 -29.61 -0.88
CA SER B 13 4.25 -28.77 -0.61
C SER B 13 4.06 -27.90 0.62
N MET B 14 4.93 -28.06 1.63
CA MET B 14 4.89 -27.15 2.77
C MET B 14 5.35 -25.73 2.45
N PHE B 15 6.08 -25.55 1.36
CA PHE B 15 6.47 -24.22 0.85
C PHE B 15 5.29 -23.52 0.22
N GLY B 16 4.54 -24.21 -0.66
CA GLY B 16 3.36 -23.67 -1.23
C GLY B 16 2.26 -23.36 -0.22
N MET B 17 2.16 -24.22 0.79
CA MET B 17 1.21 -23.96 1.89
C MET B 17 1.45 -22.61 2.51
N ARG B 18 2.70 -22.11 2.57
CA ARG B 18 2.93 -20.82 3.10
C ARG B 18 2.23 -19.72 2.38
N THR B 19 2.28 -19.78 1.07
CA THR B 19 1.71 -18.75 0.28
C THR B 19 0.18 -18.83 0.31
N ARG B 20 -0.37 -20.04 0.27
CA ARG B 20 -1.83 -20.23 0.47
C ARG B 20 -2.30 -19.60 1.74
N ILE B 21 -1.60 -19.84 2.84
CA ILE B 21 -2.00 -19.30 4.13
C ILE B 21 -1.90 -17.73 4.12
N ALA B 22 -0.82 -17.18 3.57
CA ALA B 22 -0.66 -15.74 3.51
C ALA B 22 -1.82 -15.07 2.72
N LEU B 23 -2.19 -15.67 1.56
CA LEU B 23 -3.25 -15.19 0.75
C LEU B 23 -4.58 -15.27 1.48
N GLU B 24 -4.74 -16.36 2.22
CA GLU B 24 -6.01 -16.52 3.01
C GLU B 24 -6.06 -15.54 4.16
N GLU B 25 -4.93 -15.23 4.80
CA GLU B 25 -4.90 -14.22 5.92
C GLU B 25 -5.30 -12.85 5.41
N LYS B 26 -5.07 -12.60 4.14
CA LYS B 26 -5.42 -11.34 3.50
C LYS B 26 -6.79 -11.41 2.85
N ASN B 27 -7.43 -12.58 2.85
CA ASN B 27 -8.73 -12.83 2.21
C ASN B 27 -8.75 -12.56 0.73
N VAL B 28 -7.62 -12.87 0.09
CA VAL B 28 -7.44 -12.62 -1.29
C VAL B 28 -8.08 -13.76 -2.10
N LYS B 29 -8.76 -13.37 -3.17
CA LYS B 29 -9.28 -14.33 -4.15
C LYS B 29 -8.13 -14.76 -5.06
N PHE B 30 -7.81 -16.03 -5.11
CA PHE B 30 -6.71 -16.43 -5.99
C PHE B 30 -7.08 -17.63 -6.76
N ASP B 31 -6.41 -17.81 -7.86
CA ASP B 31 -6.57 -19.02 -8.68
C ASP B 31 -5.46 -20.03 -8.41
N TYR B 32 -5.80 -21.16 -7.76
CA TYR B 32 -4.83 -22.15 -7.36
C TYR B 32 -4.67 -23.07 -8.58
N ARG B 33 -3.42 -23.30 -9.03
CA ARG B 33 -3.16 -24.10 -10.22
C ARG B 33 -2.15 -25.20 -9.96
N GLU B 34 -2.66 -26.42 -9.81
CA GLU B 34 -1.84 -27.54 -9.48
C GLU B 34 -0.86 -27.83 -10.60
N GLN B 35 0.39 -28.11 -10.22
CA GLN B 35 1.46 -28.28 -11.18
C GLN B 35 1.96 -29.75 -11.04
N ASP B 36 2.32 -30.26 -12.18
CA ASP B 36 3.02 -31.58 -12.28
C ASP B 36 4.53 -31.35 -12.41
N LEU B 37 5.24 -31.57 -11.32
CA LEU B 37 6.65 -31.25 -11.23
C LEU B 37 7.50 -32.25 -12.06
N TRP B 38 6.86 -33.31 -12.52
CA TRP B 38 7.52 -34.28 -13.42
C TRP B 38 7.25 -33.98 -14.87
N ASN B 39 6.40 -33.00 -15.15
CA ASN B 39 6.12 -32.62 -16.55
C ASN B 39 5.84 -31.10 -16.55
N LYS B 40 6.90 -30.32 -16.29
CA LYS B 40 6.67 -28.92 -15.84
C LYS B 40 5.96 -28.17 -16.97
N SER B 41 4.99 -27.36 -16.59
CA SER B 41 4.24 -26.59 -17.55
C SER B 41 5.00 -25.41 -18.20
N PRO B 42 4.53 -24.95 -19.35
CA PRO B 42 5.11 -23.74 -19.93
C PRO B 42 5.01 -22.50 -19.01
N ILE B 43 3.88 -22.34 -18.30
CA ILE B 43 3.76 -21.20 -17.42
C ILE B 43 4.74 -21.25 -16.27
N LEU B 44 4.96 -22.46 -15.69
CA LEU B 44 5.91 -22.60 -14.59
C LEU B 44 7.28 -22.29 -15.05
N LEU B 45 7.60 -22.84 -16.21
CA LEU B 45 8.96 -22.59 -16.75
C LEU B 45 9.20 -21.13 -17.16
N GLU B 46 8.19 -20.46 -17.63
CA GLU B 46 8.32 -19.06 -18.01
C GLU B 46 8.41 -18.16 -16.78
N MET B 47 7.62 -18.47 -15.74
CA MET B 47 7.49 -17.61 -14.57
C MET B 47 8.61 -17.79 -13.52
N ASN B 48 9.21 -18.96 -13.46
CA ASN B 48 10.35 -19.25 -12.59
C ASN B 48 11.42 -19.90 -13.46
N PRO B 49 12.01 -19.11 -14.32
CA PRO B 49 13.10 -19.69 -15.19
C PRO B 49 14.36 -20.05 -14.45
N VAL B 50 14.63 -19.37 -13.33
CA VAL B 50 15.92 -19.60 -12.67
C VAL B 50 15.89 -20.89 -11.90
N HIS B 51 14.85 -21.10 -11.11
CA HIS B 51 14.81 -22.32 -10.29
C HIS B 51 13.83 -23.39 -10.78
N LYS B 52 12.81 -22.99 -11.53
CA LYS B 52 11.77 -23.91 -12.05
C LYS B 52 11.07 -24.69 -10.92
N LYS B 53 10.76 -23.94 -9.85
CA LYS B 53 10.12 -24.49 -8.65
C LYS B 53 8.82 -23.75 -8.30
N ILE B 54 7.92 -24.51 -7.67
CA ILE B 54 6.70 -23.94 -7.04
C ILE B 54 7.04 -23.68 -5.59
N PRO B 55 6.32 -22.84 -4.89
CA PRO B 55 5.22 -22.01 -5.42
C PRO B 55 5.69 -20.84 -6.29
N VAL B 56 4.87 -20.46 -7.24
CA VAL B 56 5.04 -19.18 -7.95
C VAL B 56 3.77 -18.39 -7.75
N LEU B 57 3.91 -17.15 -7.30
CA LEU B 57 2.79 -16.25 -7.16
C LEU B 57 2.82 -15.29 -8.36
N ILE B 58 1.73 -15.20 -9.12
CA ILE B 58 1.64 -14.34 -10.28
C ILE B 58 0.56 -13.31 -10.05
N HIS B 59 1.00 -12.07 -9.87
CA HIS B 59 0.13 -10.96 -9.54
C HIS B 59 -0.01 -9.98 -10.75
N ASN B 60 -1.17 -9.95 -11.34
CA ASN B 60 -1.42 -9.21 -12.64
C ASN B 60 -0.29 -9.47 -13.66
N GLY B 61 0.07 -10.73 -13.79
CA GLY B 61 1.09 -11.20 -14.73
C GLY B 61 2.53 -11.17 -14.27
N ASN B 62 2.81 -10.55 -13.11
CA ASN B 62 4.13 -10.40 -12.61
C ASN B 62 4.44 -11.51 -11.64
N PRO B 63 5.45 -12.32 -11.91
CA PRO B 63 5.78 -13.39 -10.94
C PRO B 63 6.62 -13.00 -9.77
N VAL B 64 6.36 -13.63 -8.60
CA VAL B 64 7.18 -13.52 -7.42
C VAL B 64 7.57 -14.94 -6.97
N CYS B 65 8.86 -15.26 -6.99
CA CYS B 65 9.36 -16.55 -6.62
C CYS B 65 9.92 -16.54 -5.17
N GLU B 66 10.02 -17.76 -4.61
CA GLU B 66 10.50 -18.05 -3.25
C GLU B 66 9.41 -17.77 -2.21
N SER B 67 8.97 -18.86 -1.55
CA SER B 67 7.86 -18.76 -0.58
C SER B 67 8.00 -17.69 0.47
N LEU B 68 9.16 -17.53 1.13
CA LEU B 68 9.22 -16.47 2.17
C LEU B 68 9.15 -15.05 1.56
N ILE B 69 9.74 -14.89 0.38
CA ILE B 69 9.67 -13.63 -0.35
C ILE B 69 8.23 -13.30 -0.70
N GLN B 70 7.44 -14.33 -1.08
CA GLN B 70 6.05 -14.16 -1.41
C GLN B 70 5.19 -13.72 -0.21
N ILE B 71 5.45 -14.30 0.97
CA ILE B 71 4.76 -13.88 2.22
C ILE B 71 5.01 -12.40 2.48
N GLU B 72 6.27 -11.97 2.34
CA GLU B 72 6.59 -10.56 2.57
C GLU B 72 5.90 -9.66 1.55
N TYR B 73 5.96 -10.07 0.32
CA TYR B 73 5.25 -9.30 -0.77
C TYR B 73 3.75 -9.15 -0.50
N ILE B 74 3.11 -10.28 -0.18
CA ILE B 74 1.74 -10.32 0.17
C ILE B 74 1.43 -9.36 1.35
N ASP B 75 2.27 -9.39 2.37
CA ASP B 75 2.07 -8.55 3.55
C ASP B 75 2.16 -7.06 3.22
N GLU B 76 3.01 -6.73 2.27
CA GLU B 76 3.23 -5.31 1.90
C GLU B 76 2.06 -4.84 0.95
N VAL B 77 1.48 -5.73 0.16
CA VAL B 77 0.57 -5.37 -0.91
C VAL B 77 -0.92 -5.29 -0.45
N TRP B 78 -1.32 -6.23 0.37
CA TRP B 78 -2.71 -6.34 0.82
C TRP B 78 -2.90 -6.15 2.30
N PRO B 79 -4.02 -5.54 2.67
CA PRO B 79 -4.25 -5.23 4.07
C PRO B 79 -4.85 -6.43 4.85
N SER B 80 -4.58 -6.40 6.16
CA SER B 80 -5.19 -7.31 7.10
C SER B 80 -5.28 -6.60 8.44
N LYS B 81 -6.04 -7.22 9.36
CA LYS B 81 -6.29 -6.63 10.73
C LYS B 81 -5.00 -6.51 11.49
N THR B 82 -4.19 -7.55 11.40
CA THR B 82 -2.84 -7.52 11.94
C THR B 82 -1.85 -7.87 10.82
N PRO B 83 -0.66 -7.30 10.85
CA PRO B 83 0.31 -7.61 9.77
C PRO B 83 0.96 -8.97 10.00
N LEU B 84 1.46 -9.56 8.93
CA LEU B 84 2.25 -10.79 9.07
C LEU B 84 3.64 -10.62 9.55
N LEU B 85 4.23 -9.45 9.27
CA LEU B 85 5.54 -9.09 9.80
C LEU B 85 5.43 -7.84 10.62
N PRO B 86 6.10 -7.76 11.75
CA PRO B 86 6.04 -6.61 12.62
C PRO B 86 6.61 -5.36 11.91
N SER B 87 6.21 -4.17 12.34
CA SER B 87 6.85 -2.94 11.77
C SER B 87 8.15 -2.57 12.47
N ASP B 88 8.33 -2.99 13.72
CA ASP B 88 9.62 -2.76 14.42
C ASP B 88 10.79 -3.40 13.67
N PRO B 89 11.82 -2.62 13.28
CA PRO B 89 12.90 -3.27 12.54
C PRO B 89 13.59 -4.45 13.24
N TYR B 90 13.85 -4.38 14.53
CA TYR B 90 14.51 -5.47 15.21
C TYR B 90 13.64 -6.70 15.25
N GLN B 91 12.33 -6.57 15.54
CA GLN B 91 11.49 -7.72 15.56
C GLN B 91 11.37 -8.31 14.17
N ARG B 92 11.29 -7.43 13.18
CA ARG B 92 11.26 -7.90 11.79
C ARG B 92 12.48 -8.72 11.43
N ALA B 93 13.67 -8.28 11.80
CA ALA B 93 14.89 -8.97 11.57
C ALA B 93 14.91 -10.34 12.29
N GLN B 94 14.34 -10.41 13.50
CA GLN B 94 14.24 -11.69 14.22
C GLN B 94 13.31 -12.67 13.51
N ALA B 95 12.21 -12.19 12.97
CA ALA B 95 11.29 -13.00 12.21
C ALA B 95 11.98 -13.52 10.97
N LYS B 96 12.75 -12.67 10.29
CA LYS B 96 13.46 -13.12 9.11
C LYS B 96 14.48 -14.21 9.46
N PHE B 97 15.16 -14.03 10.56
CA PHE B 97 16.16 -14.96 11.08
C PHE B 97 15.58 -16.38 11.19
N TRP B 98 14.40 -16.47 11.78
CA TRP B 98 13.73 -17.76 12.03
C TRP B 98 13.17 -18.35 10.78
N GLY B 99 12.63 -17.54 9.82
CA GLY B 99 12.24 -18.03 8.55
C GLY B 99 13.45 -18.65 7.81
N ASP B 100 14.61 -18.00 7.85
CA ASP B 100 15.84 -18.43 7.18
C ASP B 100 16.28 -19.78 7.83
N PHE B 101 16.19 -19.85 9.15
CA PHE B 101 16.59 -21.04 9.90
C PHE B 101 15.70 -22.22 9.42
N ILE B 102 14.41 -22.02 9.35
CA ILE B 102 13.48 -23.08 8.93
C ILE B 102 13.87 -23.56 7.51
N ASP B 103 14.04 -22.63 6.56
CA ASP B 103 14.38 -22.96 5.19
C ASP B 103 15.69 -23.70 5.09
N LYS B 104 16.66 -23.35 5.94
CA LYS B 104 17.96 -24.05 5.90
C LYS B 104 17.99 -25.43 6.52
N LYS B 105 17.19 -25.65 7.52
CA LYS B 105 17.34 -26.83 8.36
C LYS B 105 16.25 -27.86 8.29
N VAL B 106 14.99 -27.48 8.26
CA VAL B 106 13.92 -28.46 8.60
C VAL B 106 13.77 -29.52 7.50
N TYR B 107 13.57 -29.11 6.25
CA TYR B 107 13.28 -30.05 5.21
C TYR B 107 14.40 -31.11 5.04
N ALA B 108 15.62 -30.68 5.01
CA ALA B 108 16.74 -31.60 4.71
C ALA B 108 16.81 -32.77 5.70
N SER B 109 16.54 -32.49 6.96
CA SER B 109 16.40 -33.57 7.93
C SER B 109 15.11 -34.36 7.86
N ALA B 110 13.95 -33.68 7.71
CA ALA B 110 12.70 -34.32 7.56
C ALA B 110 12.64 -35.34 6.39
N ARG B 111 13.30 -34.96 5.31
CA ARG B 111 13.31 -35.80 4.10
C ARG B 111 13.93 -37.22 4.39
N LEU B 112 14.92 -37.24 5.25
CA LEU B 112 15.58 -38.50 5.67
C LEU B 112 14.66 -39.42 6.52
N ILE B 113 13.58 -38.89 7.07
CA ILE B 113 12.63 -39.69 7.86
C ILE B 113 11.79 -40.55 6.93
N TRP B 114 11.17 -39.95 5.90
CA TRP B 114 10.31 -40.73 5.05
C TRP B 114 10.99 -41.21 3.80
N GLY B 115 12.17 -40.68 3.50
CA GLY B 115 12.78 -40.88 2.19
C GLY B 115 14.14 -41.52 2.21
N ALA B 116 14.52 -42.05 3.36
CA ALA B 116 15.76 -42.79 3.51
C ALA B 116 15.57 -43.95 4.50
N LYS B 117 16.54 -44.88 4.51
CA LYS B 117 16.56 -46.05 5.39
C LYS B 117 17.92 -46.09 6.10
N GLY B 118 18.02 -46.89 7.16
CA GLY B 118 19.35 -47.18 7.77
C GLY B 118 19.90 -46.09 8.65
N GLU B 119 21.23 -45.96 8.65
CA GLU B 119 21.98 -45.02 9.53
C GLU B 119 21.59 -43.56 9.27
N GLU B 120 21.57 -43.22 7.98
CA GLU B 120 21.18 -41.92 7.42
C GLU B 120 19.79 -41.47 7.90
N HIS B 121 18.84 -42.41 7.85
CA HIS B 121 17.46 -42.26 8.35
C HIS B 121 17.43 -41.99 9.82
N GLU B 122 18.20 -42.75 10.62
CA GLU B 122 18.18 -42.56 12.08
C GLU B 122 18.84 -41.24 12.49
N ALA B 123 19.92 -40.87 11.81
CA ALA B 123 20.65 -39.63 12.04
C ALA B 123 19.74 -38.42 11.64
N GLY B 124 19.00 -38.57 10.55
CA GLY B 124 18.05 -37.56 10.10
C GLY B 124 16.95 -37.35 11.12
N LYS B 125 16.41 -38.45 11.69
CA LYS B 125 15.38 -38.33 12.72
C LYS B 125 15.91 -37.59 13.94
N LYS B 126 17.10 -37.92 14.38
CA LYS B 126 17.75 -37.24 15.49
C LYS B 126 18.01 -35.75 15.27
N GLU B 127 18.57 -35.42 14.11
CA GLU B 127 18.79 -34.02 13.77
C GLU B 127 17.41 -33.24 13.67
N PHE B 128 16.40 -33.84 13.03
CA PHE B 128 15.09 -33.23 12.89
C PHE B 128 14.55 -32.88 14.29
N ILE B 129 14.73 -33.80 15.24
CA ILE B 129 14.29 -33.52 16.61
C ILE B 129 15.02 -32.39 17.29
N GLU B 130 16.32 -32.33 17.07
CA GLU B 130 17.14 -31.21 17.61
C GLU B 130 16.73 -29.86 17.04
N ILE B 131 16.45 -29.87 15.75
CA ILE B 131 15.96 -28.64 15.06
C ILE B 131 14.61 -28.23 15.64
N LEU B 132 13.68 -29.15 15.77
CA LEU B 132 12.42 -28.82 16.41
C LEU B 132 12.55 -28.33 17.82
N LYS B 133 13.47 -28.88 18.60
CA LYS B 133 13.72 -28.36 19.94
C LYS B 133 14.27 -26.97 19.99
N THR B 134 15.15 -26.65 19.03
CA THR B 134 15.59 -25.27 18.89
C THR B 134 14.40 -24.34 18.62
N LEU B 135 13.54 -24.74 17.67
CA LEU B 135 12.38 -23.93 17.38
C LEU B 135 11.47 -23.81 18.58
N GLU B 136 11.22 -24.91 19.24
CA GLU B 136 10.38 -24.91 20.44
C GLU B 136 10.95 -23.99 21.54
N SER B 137 12.27 -23.97 21.71
CA SER B 137 12.92 -22.99 22.67
C SER B 137 12.70 -21.56 22.26
N GLU B 138 12.75 -21.29 20.95
CA GLU B 138 12.41 -19.92 20.49
C GLU B 138 10.99 -19.56 20.81
N LEU B 139 10.06 -20.47 20.52
CA LEU B 139 8.64 -20.20 20.75
C LEU B 139 8.43 -19.91 22.23
N GLY B 140 9.03 -20.73 23.07
CA GLY B 140 8.88 -20.55 24.56
C GLY B 140 7.45 -20.78 24.97
N ASP B 141 6.95 -19.86 25.77
CA ASP B 141 5.58 -19.94 26.29
C ASP B 141 4.65 -19.00 25.54
N LYS B 142 5.14 -18.45 24.41
CA LYS B 142 4.26 -17.58 23.59
C LYS B 142 3.19 -18.33 22.86
N THR B 143 2.10 -17.67 22.51
CA THR B 143 1.01 -18.29 21.79
C THR B 143 1.45 -18.61 20.32
N TYR B 144 2.14 -17.65 19.69
CA TYR B 144 2.69 -17.83 18.36
C TYR B 144 4.11 -17.45 18.34
N PHE B 145 4.81 -17.84 17.29
CA PHE B 145 6.11 -17.36 17.15
C PHE B 145 6.08 -15.86 17.03
N GLY B 146 5.04 -15.35 16.40
CA GLY B 146 4.81 -13.90 16.29
C GLY B 146 4.33 -13.26 17.60
N GLY B 147 4.39 -13.98 18.74
CA GLY B 147 4.00 -13.46 20.07
C GLY B 147 2.54 -13.65 20.23
N GLU B 148 1.80 -12.56 20.48
CA GLU B 148 0.32 -12.63 20.50
C GLU B 148 -0.31 -12.72 19.13
N THR B 149 0.43 -12.41 18.06
CA THR B 149 -0.22 -12.43 16.72
C THR B 149 0.45 -13.50 15.82
N PHE B 150 -0.34 -14.20 15.08
CA PHE B 150 0.04 -15.18 14.09
C PHE B 150 0.73 -14.48 12.96
N GLY B 151 1.91 -14.94 12.64
CA GLY B 151 2.68 -14.24 11.61
C GLY B 151 3.60 -15.04 10.73
N TYR B 152 4.53 -14.31 10.13
CA TYR B 152 5.52 -14.85 9.23
C TYR B 152 6.18 -16.17 9.67
N VAL B 153 6.69 -16.18 10.88
CA VAL B 153 7.37 -17.43 11.37
C VAL B 153 6.42 -18.59 11.56
N ASP B 154 5.24 -18.34 12.10
CA ASP B 154 4.22 -19.37 12.16
C ASP B 154 3.87 -19.96 10.81
N ILE B 155 3.68 -19.10 9.81
CA ILE B 155 3.40 -19.50 8.48
C ILE B 155 4.58 -20.32 7.90
N ALA B 156 5.78 -19.90 8.17
CA ALA B 156 6.99 -20.55 7.62
C ALA B 156 7.05 -22.02 8.05
N LEU B 157 6.63 -22.27 9.30
CA LEU B 157 6.74 -23.63 9.91
C LEU B 157 5.51 -24.48 9.79
N ILE B 158 4.32 -23.88 9.71
CA ILE B 158 3.06 -24.66 9.89
C ILE B 158 2.80 -25.61 8.79
N GLY B 159 3.30 -25.37 7.54
CA GLY B 159 3.15 -26.31 6.51
C GLY B 159 3.77 -27.68 6.84
N PHE B 160 4.92 -27.64 7.50
CA PHE B 160 5.60 -28.87 7.94
C PHE B 160 4.74 -29.65 8.95
N TYR B 161 3.89 -28.96 9.72
CA TYR B 161 2.97 -29.64 10.68
C TYR B 161 2.02 -30.62 10.01
N SER B 162 1.51 -30.29 8.83
CA SER B 162 0.69 -31.25 8.09
C SER B 162 1.34 -32.58 7.82
N TRP B 163 2.65 -32.59 7.75
CA TRP B 163 3.44 -33.79 7.55
C TRP B 163 3.82 -34.51 8.85
N PHE B 164 3.54 -33.94 10.01
CA PHE B 164 4.02 -34.59 11.24
C PHE B 164 3.49 -36.02 11.49
N GLU B 165 2.26 -36.26 11.12
CA GLU B 165 1.70 -37.62 11.27
C GLU B 165 2.47 -38.59 10.38
N ALA B 166 2.74 -38.18 9.16
CA ALA B 166 3.60 -38.94 8.27
C ALA B 166 4.99 -39.14 8.79
N TYR B 167 5.61 -38.12 9.35
CA TYR B 167 6.98 -38.25 9.86
C TYR B 167 6.96 -39.28 11.02
N GLU B 168 5.98 -39.17 11.90
CA GLU B 168 5.84 -40.14 13.09
C GLU B 168 5.60 -41.58 12.61
N LYS B 169 4.79 -41.75 11.56
CA LYS B 169 4.51 -43.06 10.98
C LYS B 169 5.74 -43.62 10.32
N PHE B 170 6.36 -42.88 9.40
CA PHE B 170 7.52 -43.40 8.68
C PHE B 170 8.78 -43.38 9.47
N GLY B 171 8.81 -42.65 10.57
CA GLY B 171 10.00 -42.67 11.44
C GLY B 171 9.84 -43.50 12.72
N SER B 172 8.64 -44.06 12.91
CA SER B 172 8.23 -44.79 14.11
C SER B 172 8.63 -44.06 15.37
N PHE B 173 8.19 -42.83 15.54
CA PHE B 173 8.54 -42.04 16.72
C PHE B 173 7.45 -41.01 16.98
N SER B 174 7.61 -40.27 18.08
CA SER B 174 6.62 -39.32 18.56
C SER B 174 7.18 -37.92 18.80
N ILE B 175 6.67 -36.98 18.04
CA ILE B 175 7.18 -35.62 18.13
C ILE B 175 6.59 -35.00 19.35
N GLU B 176 5.32 -35.34 19.64
CA GLU B 176 4.66 -34.85 20.86
C GLU B 176 5.39 -35.19 22.15
N ALA B 177 6.03 -36.37 22.16
CA ALA B 177 6.85 -36.76 23.33
C ALA B 177 8.05 -35.89 23.46
N GLU B 178 8.64 -35.48 22.34
CA GLU B 178 9.86 -34.67 22.39
C GLU B 178 9.60 -33.19 22.59
N CYS B 179 8.56 -32.70 21.94
CA CYS B 179 8.31 -31.26 21.82
C CYS B 179 6.83 -30.98 22.06
N PRO B 180 6.37 -31.12 23.30
CA PRO B 180 4.89 -30.96 23.49
C PRO B 180 4.42 -29.54 23.22
N LYS B 181 5.25 -28.53 23.50
CA LYS B 181 4.78 -27.16 23.31
C LYS B 181 4.68 -26.83 21.84
N LEU B 182 5.55 -27.41 21.03
CA LEU B 182 5.45 -27.22 19.60
C LEU B 182 4.20 -27.90 19.03
N ILE B 183 3.87 -29.09 19.53
CA ILE B 183 2.61 -29.72 19.18
C ILE B 183 1.38 -28.96 19.59
N ALA B 184 1.39 -28.38 20.79
CA ALA B 184 0.27 -27.51 21.21
C ALA B 184 0.11 -26.32 20.20
N TRP B 185 1.24 -25.74 19.86
CA TRP B 185 1.26 -24.60 18.90
C TRP B 185 0.58 -25.05 17.59
N GLY B 186 1.05 -26.16 17.03
CA GLY B 186 0.50 -26.66 15.76
C GLY B 186 -0.99 -26.94 15.78
N LYS B 187 -1.48 -27.53 16.91
CA LYS B 187 -2.92 -27.70 17.06
C LYS B 187 -3.68 -26.43 17.11
N ARG B 188 -3.07 -25.43 17.73
CA ARG B 188 -3.67 -24.10 17.83
C ARG B 188 -3.75 -23.41 16.47
N CYS B 189 -2.69 -23.51 15.66
CA CYS B 189 -2.66 -22.87 14.33
C CYS B 189 -3.64 -23.51 13.38
N VAL B 190 -3.82 -24.82 13.42
CA VAL B 190 -4.77 -25.53 12.52
C VAL B 190 -6.22 -25.22 12.77
N GLU B 191 -6.54 -24.63 13.90
CA GLU B 191 -7.85 -23.99 14.11
C GLU B 191 -8.08 -22.69 13.37
N ARG B 192 -7.03 -22.01 12.92
CA ARG B 192 -7.21 -20.72 12.19
C ARG B 192 -7.77 -21.10 10.85
N GLU B 193 -8.80 -20.42 10.43
CA GLU B 193 -9.43 -20.75 9.17
C GLU B 193 -8.41 -20.73 7.95
N SER B 194 -7.51 -19.76 7.90
CA SER B 194 -6.49 -19.67 6.82
C SER B 194 -5.69 -20.95 6.71
N VAL B 195 -5.28 -21.43 7.87
CA VAL B 195 -4.50 -22.65 7.98
C VAL B 195 -5.33 -23.91 7.65
N ALA B 196 -6.52 -24.02 8.24
CA ALA B 196 -7.33 -25.21 7.99
C ALA B 196 -7.70 -25.33 6.51
N LYS B 197 -7.88 -24.20 5.83
CA LYS B 197 -8.26 -24.21 4.40
C LYS B 197 -7.08 -24.61 3.51
N SER B 198 -5.87 -24.31 3.96
CA SER B 198 -4.66 -24.45 3.16
C SER B 198 -3.91 -25.73 3.30
N LEU B 199 -3.96 -26.36 4.48
CA LEU B 199 -3.26 -27.60 4.70
C LEU B 199 -4.07 -28.79 4.19
N PRO B 200 -3.41 -29.73 3.51
CA PRO B 200 -4.11 -30.96 3.26
C PRO B 200 -4.36 -31.71 4.56
N ASP B 201 -5.31 -32.63 4.47
CA ASP B 201 -5.56 -33.60 5.51
C ASP B 201 -4.29 -34.41 5.76
N SER B 202 -3.90 -34.57 7.05
CA SER B 202 -2.66 -35.36 7.37
C SER B 202 -2.72 -36.75 6.78
N GLU B 203 -3.90 -37.31 6.75
CA GLU B 203 -4.10 -38.66 6.21
C GLU B 203 -3.87 -38.70 4.73
N LYS B 204 -4.27 -37.64 4.01
CA LYS B 204 -4.01 -37.59 2.56
C LYS B 204 -2.50 -37.63 2.24
N ILE B 205 -1.72 -36.94 3.06
CA ILE B 205 -0.25 -37.00 2.97
C ILE B 205 0.28 -38.40 3.24
N ILE B 206 -0.18 -39.00 4.34
CA ILE B 206 0.27 -40.40 4.62
C ILE B 206 -0.01 -41.31 3.42
N LYS B 207 -1.22 -41.19 2.85
CA LYS B 207 -1.64 -42.07 1.69
C LYS B 207 -0.83 -41.87 0.47
N PHE B 208 -0.28 -40.65 0.32
CA PHE B 208 0.57 -40.26 -0.83
C PHE B 208 2.06 -40.68 -0.73
N VAL B 209 2.58 -40.87 0.48
CA VAL B 209 4.04 -41.10 0.60
C VAL B 209 4.53 -42.26 -0.26
N PRO B 210 3.80 -43.38 -0.27
CA PRO B 210 4.40 -44.51 -1.06
C PRO B 210 4.52 -44.16 -2.56
N GLU B 211 3.45 -43.56 -3.13
CA GLU B 211 3.49 -43.10 -4.53
C GLU B 211 4.65 -42.11 -4.71
N LEU B 212 4.77 -41.18 -3.78
CA LEU B 212 5.80 -40.15 -3.87
C LEU B 212 7.20 -40.74 -3.85
N ARG B 213 7.40 -41.69 -2.93
CA ARG B 213 8.66 -42.43 -2.95
C ARG B 213 8.99 -43.03 -4.35
N LYS B 214 8.03 -43.73 -4.96
CA LYS B 214 8.23 -44.30 -6.33
C LYS B 214 8.62 -43.19 -7.32
N LYS B 215 7.87 -42.10 -7.32
CA LYS B 215 8.15 -41.00 -8.27
C LYS B 215 9.55 -40.40 -8.10
N LEU B 216 10.07 -40.44 -6.87
CA LEU B 216 11.38 -39.88 -6.50
C LEU B 216 12.50 -40.92 -6.58
N GLY B 217 12.15 -42.15 -6.99
CA GLY B 217 13.13 -43.21 -7.16
C GLY B 217 13.65 -43.75 -5.85
N ILE B 218 12.84 -43.65 -4.80
CA ILE B 218 13.24 -44.11 -3.47
C ILE B 218 12.62 -45.50 -3.33
N GLU B 219 13.42 -46.50 -2.96
CA GLU B 219 12.94 -47.87 -2.79
C GLU B 219 12.96 -48.23 -1.29
N ILE B 220 11.78 -48.38 -0.66
CA ILE B 220 11.73 -48.64 0.81
C ILE B 220 10.89 -49.89 1.25
N ALA C 2 -6.75 -12.23 8.70
CA ALA C 2 -8.16 -11.77 8.42
C ALA C 2 -8.18 -10.40 7.83
N ASP C 3 -9.11 -10.20 6.91
CA ASP C 3 -9.37 -8.90 6.38
C ASP C 3 -10.84 -8.87 6.14
N GLU C 4 -11.50 -7.97 6.81
CA GLU C 4 -12.95 -7.92 6.72
C GLU C 4 -13.36 -6.60 6.08
N VAL C 5 -14.22 -6.73 5.07
CA VAL C 5 -14.80 -5.58 4.41
C VAL C 5 -16.30 -5.73 4.43
N ILE C 6 -16.98 -4.75 4.98
CA ILE C 6 -18.44 -4.75 5.03
C ILE C 6 -18.86 -3.48 4.24
N LEU C 7 -19.91 -3.62 3.46
CA LEU C 7 -20.52 -2.43 2.83
C LEU C 7 -21.97 -2.30 3.20
N LEU C 8 -22.29 -1.25 3.97
CA LEU C 8 -23.70 -0.90 4.31
C LEU C 8 -24.25 -0.11 3.17
N ASP C 9 -25.30 -0.60 2.53
CA ASP C 9 -25.76 -0.04 1.24
C ASP C 9 -27.29 -0.28 1.09
N PHE C 10 -27.81 0.31 0.04
CA PHE C 10 -29.22 0.32 -0.26
C PHE C 10 -29.26 0.10 -1.74
N TRP C 11 -29.92 -0.98 -2.18
CA TRP C 11 -29.74 -1.53 -3.55
C TRP C 11 -29.85 -0.55 -4.74
N PRO C 12 -30.80 0.44 -4.73
CA PRO C 12 -30.89 1.29 -5.91
C PRO C 12 -30.07 2.60 -5.79
N SER C 13 -29.22 2.68 -4.76
CA SER C 13 -28.41 3.92 -4.55
C SER C 13 -27.29 3.94 -5.57
N MET C 14 -27.34 4.93 -6.46
CA MET C 14 -26.21 5.09 -7.41
C MET C 14 -24.85 5.52 -6.66
N PHE C 15 -24.97 6.02 -5.44
CA PHE C 15 -23.79 6.31 -4.58
C PHE C 15 -23.14 5.06 -4.00
N GLY C 16 -23.97 4.17 -3.48
CA GLY C 16 -23.49 2.85 -3.06
C GLY C 16 -22.93 2.03 -4.22
N MET C 17 -23.51 2.17 -5.38
CA MET C 17 -23.02 1.43 -6.60
C MET C 17 -21.57 1.78 -6.87
N ARG C 18 -21.19 3.01 -6.59
CA ARG C 18 -19.80 3.38 -6.78
C ARG C 18 -18.84 2.51 -5.97
N THR C 19 -19.18 2.29 -4.74
CA THR C 19 -18.24 1.57 -3.84
C THR C 19 -18.29 0.11 -4.23
N ARG C 20 -19.48 -0.40 -4.55
CA ARG C 20 -19.58 -1.81 -5.05
C ARG C 20 -18.64 -2.00 -6.28
N ILE C 21 -18.69 -1.09 -7.26
CA ILE C 21 -17.82 -1.19 -8.41
C ILE C 21 -16.35 -1.08 -8.07
N ALA C 22 -15.99 -0.15 -7.17
CA ALA C 22 -14.57 -0.01 -6.84
C ALA C 22 -14.03 -1.28 -6.19
N LEU C 23 -14.85 -1.85 -5.27
CA LEU C 23 -14.47 -3.08 -4.62
C LEU C 23 -14.32 -4.22 -5.68
N GLU C 24 -15.25 -4.30 -6.62
CA GLU C 24 -15.15 -5.34 -7.66
C GLU C 24 -13.96 -5.13 -8.55
N GLU C 25 -13.62 -3.88 -8.87
CA GLU C 25 -12.38 -3.58 -9.62
C GLU C 25 -11.08 -4.09 -8.90
N LYS C 26 -11.11 -4.09 -7.59
CA LYS C 26 -10.07 -4.61 -6.82
C LYS C 26 -10.21 -6.11 -6.55
N ASN C 27 -11.31 -6.72 -6.95
CA ASN C 27 -11.57 -8.13 -6.70
C ASN C 27 -11.65 -8.45 -5.23
N VAL C 28 -12.18 -7.52 -4.44
CA VAL C 28 -12.19 -7.66 -2.99
C VAL C 28 -13.39 -8.52 -2.63
N LYS C 29 -13.21 -9.38 -1.62
CA LYS C 29 -14.35 -10.08 -1.00
C LYS C 29 -15.01 -9.15 0.00
N PHE C 30 -16.29 -8.88 -0.12
CA PHE C 30 -16.93 -8.00 0.83
C PHE C 30 -18.26 -8.54 1.19
N ASP C 31 -18.70 -8.15 2.38
CA ASP C 31 -20.03 -8.51 2.90
C ASP C 31 -20.98 -7.34 2.59
N TYR C 32 -21.88 -7.55 1.66
CA TYR C 32 -22.85 -6.50 1.28
C TYR C 32 -24.00 -6.63 2.28
N ARG C 33 -24.33 -5.56 3.01
CA ARG C 33 -25.41 -5.53 3.97
C ARG C 33 -26.49 -4.46 3.65
N GLU C 34 -27.62 -4.92 3.10
CA GLU C 34 -28.76 -4.09 2.72
C GLU C 34 -29.34 -3.40 3.93
N GLN C 35 -29.51 -2.10 3.84
CA GLN C 35 -29.99 -1.30 4.98
C GLN C 35 -31.41 -0.83 4.72
N ASP C 36 -32.17 -0.84 5.82
CA ASP C 36 -33.51 -0.16 5.82
C ASP C 36 -33.32 1.26 6.34
N LEU C 37 -33.31 2.22 5.38
CA LEU C 37 -33.11 3.59 5.71
C LEU C 37 -34.29 4.21 6.51
N TRP C 38 -35.41 3.49 6.61
CA TRP C 38 -36.61 3.95 7.37
C TRP C 38 -36.60 3.34 8.76
N ASN C 39 -35.61 2.48 9.05
CA ASN C 39 -35.43 1.92 10.40
C ASN C 39 -33.97 1.71 10.67
N LYS C 40 -33.22 2.83 10.83
CA LYS C 40 -31.76 2.75 10.64
C LYS C 40 -31.18 1.87 11.69
N SER C 41 -30.33 0.96 11.25
CA SER C 41 -29.80 -0.02 12.09
C SER C 41 -28.82 0.56 13.08
N PRO C 42 -28.59 -0.17 14.19
CA PRO C 42 -27.51 0.25 15.08
C PRO C 42 -26.11 0.41 14.44
N ILE C 43 -25.75 -0.54 13.59
CA ILE C 43 -24.43 -0.46 12.92
C ILE C 43 -24.31 0.78 12.00
N LEU C 44 -25.40 1.15 11.29
CA LEU C 44 -25.38 2.36 10.42
C LEU C 44 -25.22 3.60 11.30
N LEU C 45 -25.99 3.65 12.36
CA LEU C 45 -25.89 4.75 13.28
C LEU C 45 -24.57 4.90 14.02
N GLU C 46 -23.95 3.77 14.36
CA GLU C 46 -22.66 3.74 15.00
C GLU C 46 -21.56 4.20 13.98
N MET C 47 -21.66 3.69 12.76
CA MET C 47 -20.55 3.85 11.77
C MET C 47 -20.62 5.18 10.95
N ASN C 48 -21.80 5.80 10.80
CA ASN C 48 -21.92 7.11 10.20
C ASN C 48 -22.77 7.98 11.13
N PRO C 49 -22.21 8.35 12.28
CA PRO C 49 -23.04 9.15 13.23
C PRO C 49 -23.33 10.54 12.70
N VAL C 50 -22.46 11.08 11.82
CA VAL C 50 -22.64 12.44 11.43
C VAL C 50 -23.73 12.56 10.46
N HIS C 51 -23.66 11.79 9.38
CA HIS C 51 -24.71 11.92 8.35
C HIS C 51 -25.81 10.87 8.40
N LYS C 52 -25.48 9.71 8.96
CA LYS C 52 -26.47 8.56 9.05
C LYS C 52 -26.97 8.16 7.68
N LYS C 53 -26.00 8.07 6.71
CA LYS C 53 -26.26 7.74 5.34
C LYS C 53 -25.40 6.57 4.87
N ILE C 54 -25.93 5.86 3.88
CA ILE C 54 -25.17 4.85 3.11
C ILE C 54 -24.62 5.52 1.84
N PRO C 55 -23.59 4.94 1.17
CA PRO C 55 -22.85 3.81 1.63
C PRO C 55 -21.92 4.05 2.77
N VAL C 56 -21.67 3.02 3.58
CA VAL C 56 -20.63 3.03 4.55
C VAL C 56 -19.75 1.81 4.31
N LEU C 57 -18.44 2.05 4.17
CA LEU C 57 -17.46 0.99 3.99
C LEU C 57 -16.80 0.77 5.33
N ILE C 58 -16.83 -0.44 5.84
CA ILE C 58 -16.22 -0.76 7.15
C ILE C 58 -15.11 -1.78 6.94
N HIS C 59 -13.90 -1.34 7.22
CA HIS C 59 -12.69 -2.14 6.92
C HIS C 59 -12.04 -2.47 8.23
N ASN C 60 -12.06 -3.76 8.55
CA ASN C 60 -11.59 -4.25 9.89
C ASN C 60 -12.14 -3.43 11.08
N GLY C 61 -13.39 -3.06 10.96
CA GLY C 61 -14.07 -2.30 11.96
C GLY C 61 -13.97 -0.79 11.90
N ASN C 62 -13.24 -0.23 10.92
CA ASN C 62 -13.02 1.20 10.76
C ASN C 62 -13.87 1.74 9.62
N PRO C 63 -14.82 2.64 9.90
CA PRO C 63 -15.70 3.07 8.84
C PRO C 63 -15.13 4.23 8.00
N VAL C 64 -15.47 4.19 6.72
CA VAL C 64 -15.15 5.28 5.77
C VAL C 64 -16.41 5.70 5.10
N CYS C 65 -16.81 6.95 5.33
CA CYS C 65 -18.00 7.51 4.73
C CYS C 65 -17.73 8.35 3.51
N GLU C 66 -18.76 8.56 2.73
CA GLU C 66 -18.82 9.35 1.46
C GLU C 66 -18.27 8.53 0.30
N SER C 67 -19.14 8.27 -0.64
CA SER C 67 -18.81 7.43 -1.78
C SER C 67 -17.51 7.78 -2.48
N LEU C 68 -17.30 9.03 -2.90
CA LEU C 68 -16.08 9.36 -3.63
C LEU C 68 -14.82 9.20 -2.74
N ILE C 69 -14.94 9.46 -1.45
CA ILE C 69 -13.86 9.23 -0.51
C ILE C 69 -13.56 7.76 -0.38
N GLN C 70 -14.62 6.93 -0.42
CA GLN C 70 -14.40 5.53 -0.36
C GLN C 70 -13.61 5.01 -1.61
N ILE C 71 -13.97 5.49 -2.80
CA ILE C 71 -13.30 5.04 -4.04
C ILE C 71 -11.79 5.34 -3.89
N GLU C 72 -11.45 6.51 -3.38
CA GLU C 72 -10.07 6.92 -3.23
C GLU C 72 -9.33 6.08 -2.17
N TYR C 73 -10.05 5.75 -1.10
CA TYR C 73 -9.49 4.85 -0.06
C TYR C 73 -9.23 3.49 -0.56
N ILE C 74 -10.25 2.93 -1.23
CA ILE C 74 -10.10 1.65 -1.88
C ILE C 74 -8.87 1.61 -2.85
N ASP C 75 -8.74 2.65 -3.67
CA ASP C 75 -7.66 2.69 -4.64
C ASP C 75 -6.30 2.72 -3.99
N GLU C 76 -6.21 3.30 -2.81
CA GLU C 76 -4.90 3.46 -2.11
C GLU C 76 -4.58 2.14 -1.37
N VAL C 77 -5.62 1.40 -0.96
CA VAL C 77 -5.41 0.30 -0.03
C VAL C 77 -5.23 -1.02 -0.69
N TRP C 78 -5.95 -1.27 -1.79
CA TRP C 78 -5.89 -2.50 -2.52
C TRP C 78 -5.31 -2.38 -3.93
N PRO C 79 -4.66 -3.44 -4.39
CA PRO C 79 -4.04 -3.37 -5.73
C PRO C 79 -5.01 -3.71 -6.83
N SER C 80 -4.66 -3.16 -8.01
CA SER C 80 -5.31 -3.61 -9.26
C SER C 80 -4.28 -3.45 -10.43
N LYS C 81 -4.63 -4.04 -11.57
CA LYS C 81 -3.74 -3.90 -12.80
C LYS C 81 -3.55 -2.45 -13.16
N THR C 82 -4.64 -1.71 -13.20
CA THR C 82 -4.60 -0.25 -13.44
C THR C 82 -5.25 0.49 -12.26
N PRO C 83 -4.75 1.64 -11.92
CA PRO C 83 -5.31 2.34 -10.71
C PRO C 83 -6.63 3.04 -11.08
N LEU C 84 -7.49 3.29 -10.08
CA LEU C 84 -8.70 4.06 -10.33
C LEU C 84 -8.51 5.55 -10.45
N LEU C 85 -7.44 6.05 -9.82
CA LEU C 85 -7.00 7.40 -9.98
C LEU C 85 -5.60 7.41 -10.56
N PRO C 86 -5.33 8.31 -11.47
CA PRO C 86 -3.99 8.52 -11.97
C PRO C 86 -2.95 8.93 -10.88
N SER C 87 -1.69 8.60 -11.09
CA SER C 87 -0.66 9.03 -10.12
C SER C 87 -0.16 10.46 -10.37
N ASP C 88 -0.27 10.92 -11.60
CA ASP C 88 0.08 12.31 -11.90
C ASP C 88 -0.81 13.30 -11.09
N PRO C 89 -0.23 14.22 -10.31
CA PRO C 89 -1.07 15.09 -9.51
C PRO C 89 -2.04 15.99 -10.29
N TYR C 90 -1.64 16.48 -11.47
CA TYR C 90 -2.54 17.28 -12.23
C TYR C 90 -3.74 16.42 -12.74
N GLN C 91 -3.47 15.24 -13.28
CA GLN C 91 -4.52 14.43 -13.82
C GLN C 91 -5.45 13.96 -12.68
N ARG C 92 -4.85 13.72 -11.51
CA ARG C 92 -5.58 13.35 -10.32
C ARG C 92 -6.54 14.45 -9.94
N ALA C 93 -6.08 15.68 -9.94
CA ALA C 93 -6.94 16.85 -9.70
C ALA C 93 -8.09 17.03 -10.68
N GLN C 94 -7.84 16.76 -11.95
CA GLN C 94 -8.88 16.79 -12.96
C GLN C 94 -9.98 15.73 -12.72
N ALA C 95 -9.59 14.51 -12.35
CA ALA C 95 -10.54 13.47 -12.03
C ALA C 95 -11.37 13.88 -10.83
N LYS C 96 -10.68 14.48 -9.79
CA LYS C 96 -11.43 14.96 -8.64
C LYS C 96 -12.44 16.05 -8.99
N PHE C 97 -12.05 16.95 -9.89
CA PHE C 97 -12.93 18.01 -10.36
C PHE C 97 -14.27 17.48 -10.92
N TRP C 98 -14.15 16.46 -11.77
CA TRP C 98 -15.32 15.85 -12.41
C TRP C 98 -16.17 15.04 -11.47
N GLY C 99 -15.58 14.36 -10.49
CA GLY C 99 -16.35 13.72 -9.45
C GLY C 99 -17.16 14.70 -8.66
N ASP C 100 -16.52 15.81 -8.29
CA ASP C 100 -17.16 16.88 -7.57
C ASP C 100 -18.33 17.47 -8.37
N PHE C 101 -18.10 17.70 -9.65
CA PHE C 101 -19.14 18.20 -10.56
C PHE C 101 -20.38 17.24 -10.59
N ILE C 102 -20.11 15.92 -10.70
CA ILE C 102 -21.16 14.96 -10.72
C ILE C 102 -21.99 15.01 -9.37
N ASP C 103 -21.30 14.95 -8.26
CA ASP C 103 -21.91 15.02 -6.91
C ASP C 103 -22.74 16.29 -6.73
N LYS C 104 -22.25 17.43 -7.24
CA LYS C 104 -23.03 18.69 -7.11
C LYS C 104 -24.25 18.80 -7.99
N LYS C 105 -24.18 18.22 -9.16
CA LYS C 105 -25.15 18.59 -10.18
C LYS C 105 -26.16 17.49 -10.50
N VAL C 106 -25.72 16.25 -10.68
CA VAL C 106 -26.56 15.30 -11.41
C VAL C 106 -27.86 14.96 -10.62
N TYR C 107 -27.71 14.46 -9.40
CA TYR C 107 -28.81 13.90 -8.65
C TYR C 107 -29.91 14.96 -8.47
N ALA C 108 -29.52 16.19 -8.15
CA ALA C 108 -30.56 17.23 -7.79
C ALA C 108 -31.51 17.50 -8.97
N SER C 109 -30.96 17.53 -10.17
CA SER C 109 -31.80 17.61 -11.38
C SER C 109 -32.56 16.31 -11.73
N ALA C 110 -31.89 15.17 -11.66
CA ALA C 110 -32.50 13.89 -11.89
C ALA C 110 -33.72 13.61 -10.94
N ARG C 111 -33.57 13.97 -9.68
CA ARG C 111 -34.62 13.77 -8.64
C ARG C 111 -35.96 14.47 -9.06
N LEU C 112 -35.83 15.59 -9.77
CA LEU C 112 -37.01 16.35 -10.29
C LEU C 112 -37.72 15.66 -11.46
N ILE C 113 -37.06 14.71 -12.12
CA ILE C 113 -37.64 13.99 -13.22
C ILE C 113 -38.66 12.94 -12.67
N TRP C 114 -38.24 12.08 -11.73
CA TRP C 114 -39.15 11.10 -11.22
C TRP C 114 -39.87 11.49 -9.92
N GLY C 115 -39.41 12.53 -9.23
CA GLY C 115 -39.88 12.89 -7.94
C GLY C 115 -40.63 14.22 -7.82
N ALA C 116 -40.95 14.82 -8.95
CA ALA C 116 -41.68 16.10 -9.00
C ALA C 116 -42.60 16.13 -10.21
N LYS C 117 -43.54 17.09 -10.22
CA LYS C 117 -44.50 17.28 -11.33
C LYS C 117 -44.45 18.74 -11.80
N GLY C 118 -45.03 19.03 -12.97
CA GLY C 118 -45.30 20.43 -13.35
C GLY C 118 -44.08 21.18 -13.83
N GLU C 119 -44.04 22.50 -13.54
CA GLU C 119 -43.00 23.42 -14.01
C GLU C 119 -41.59 22.97 -13.53
N GLU C 120 -41.51 22.67 -12.23
CA GLU C 120 -40.33 22.20 -11.51
C GLU C 120 -39.71 20.95 -12.20
N HIS C 121 -40.59 20.03 -12.53
CA HIS C 121 -40.28 18.78 -13.22
C HIS C 121 -39.73 19.05 -14.61
N GLU C 122 -40.35 19.98 -15.35
CA GLU C 122 -39.89 20.28 -16.70
C GLU C 122 -38.54 21.02 -16.71
N ALA C 123 -38.38 21.92 -15.77
CA ALA C 123 -37.13 22.65 -15.58
C ALA C 123 -35.99 21.66 -15.18
N GLY C 124 -36.33 20.72 -14.30
CA GLY C 124 -35.37 19.67 -13.87
C GLY C 124 -34.94 18.78 -15.04
N LYS C 125 -35.87 18.38 -15.90
CA LYS C 125 -35.49 17.61 -17.10
C LYS C 125 -34.54 18.40 -17.99
N LYS C 126 -34.86 19.69 -18.19
CA LYS C 126 -34.01 20.54 -19.02
C LYS C 126 -32.59 20.67 -18.44
N GLU C 127 -32.50 20.96 -17.17
CA GLU C 127 -31.21 21.15 -16.53
C GLU C 127 -30.39 19.83 -16.56
N PHE C 128 -31.04 18.72 -16.25
CA PHE C 128 -30.41 17.36 -16.30
C PHE C 128 -29.77 17.13 -17.65
N ILE C 129 -30.46 17.53 -18.73
CA ILE C 129 -29.90 17.33 -20.06
C ILE C 129 -28.68 18.22 -20.33
N GLU C 130 -28.76 19.47 -19.87
CA GLU C 130 -27.60 20.38 -19.98
C GLU C 130 -26.36 19.83 -19.20
N ILE C 131 -26.64 19.30 -18.02
CA ILE C 131 -25.57 18.68 -17.21
C ILE C 131 -24.96 17.47 -17.99
N LEU C 132 -25.81 16.60 -18.50
CA LEU C 132 -25.29 15.44 -19.29
C LEU C 132 -24.50 15.88 -20.49
N LYS C 133 -24.95 16.95 -21.15
CA LYS C 133 -24.20 17.49 -22.27
C LYS C 133 -22.81 18.04 -21.88
N THR C 134 -22.71 18.62 -20.71
CA THR C 134 -21.42 19.08 -20.22
C THR C 134 -20.50 17.87 -19.99
N LEU C 135 -21.05 16.83 -19.34
CA LEU C 135 -20.29 15.63 -19.12
C LEU C 135 -19.87 14.99 -20.43
N GLU C 136 -20.81 14.92 -21.39
CA GLU C 136 -20.51 14.38 -22.73
C GLU C 136 -19.42 15.16 -23.44
N SER C 137 -19.39 16.48 -23.32
CA SER C 137 -18.27 17.29 -23.87
C SER C 137 -16.94 16.96 -23.24
N GLU C 138 -16.96 16.73 -21.92
CA GLU C 138 -15.73 16.35 -21.23
C GLU C 138 -15.23 14.97 -21.73
N LEU C 139 -16.14 14.01 -21.82
CA LEU C 139 -15.80 12.65 -22.32
C LEU C 139 -15.15 12.77 -23.69
N GLY C 140 -15.73 13.62 -24.51
CA GLY C 140 -15.22 13.83 -25.90
C GLY C 140 -15.32 12.52 -26.66
N ASP C 141 -14.22 12.17 -27.31
CA ASP C 141 -14.14 10.92 -28.12
C ASP C 141 -13.37 9.80 -27.40
N LYS C 142 -13.14 9.99 -26.10
CA LYS C 142 -12.37 8.99 -25.30
C LYS C 142 -13.22 7.84 -24.99
N THR C 143 -12.59 6.68 -24.77
CA THR C 143 -13.28 5.47 -24.44
C THR C 143 -13.96 5.63 -23.06
N TYR C 144 -13.22 6.21 -22.10
CA TYR C 144 -13.70 6.43 -20.76
C TYR C 144 -13.40 7.83 -20.34
N PHE C 145 -14.05 8.26 -19.25
CA PHE C 145 -13.68 9.59 -18.72
C PHE C 145 -12.24 9.49 -18.28
N GLY C 146 -11.83 8.31 -17.81
CA GLY C 146 -10.42 8.06 -17.47
C GLY C 146 -9.48 7.89 -18.66
N GLY C 147 -9.94 8.18 -19.89
CA GLY C 147 -9.10 8.09 -21.12
C GLY C 147 -9.18 6.69 -21.67
N GLU C 148 -8.03 6.05 -21.77
CA GLU C 148 -8.01 4.64 -22.16
C GLU C 148 -8.37 3.70 -21.02
N THR C 149 -8.35 4.17 -19.78
CA THR C 149 -8.59 3.28 -18.62
C THR C 149 -9.85 3.72 -17.82
N PHE C 150 -10.67 2.77 -17.45
CA PHE C 150 -11.87 2.96 -16.66
C PHE C 150 -11.41 3.36 -15.25
N GLY C 151 -11.96 4.45 -14.76
CA GLY C 151 -11.50 5.00 -13.50
C GLY C 151 -12.54 5.69 -12.66
N TYR C 152 -12.01 6.47 -11.72
CA TYR C 152 -12.77 7.26 -10.77
C TYR C 152 -13.98 7.97 -11.35
N VAL C 153 -13.78 8.75 -12.37
CA VAL C 153 -14.91 9.51 -12.93
C VAL C 153 -15.97 8.62 -13.55
N ASP C 154 -15.52 7.60 -14.29
CA ASP C 154 -16.46 6.60 -14.78
C ASP C 154 -17.30 5.99 -13.71
N ILE C 155 -16.69 5.63 -12.59
CA ILE C 155 -17.36 5.02 -11.51
C ILE C 155 -18.36 5.99 -10.89
N ALA C 156 -17.92 7.25 -10.76
CA ALA C 156 -18.74 8.29 -10.16
C ALA C 156 -20.06 8.50 -10.89
N LEU C 157 -20.02 8.39 -12.20
CA LEU C 157 -21.19 8.56 -13.06
C LEU C 157 -22.04 7.30 -13.39
N ILE C 158 -21.44 6.14 -13.43
CA ILE C 158 -22.11 5.00 -14.07
C ILE C 158 -23.30 4.52 -13.29
N GLY C 159 -23.31 4.67 -11.96
CA GLY C 159 -24.45 4.27 -11.14
C GLY C 159 -25.73 4.92 -11.67
N PHE C 160 -25.61 6.17 -12.10
CA PHE C 160 -26.74 6.92 -12.59
C PHE C 160 -27.27 6.27 -13.87
N TYR C 161 -26.43 5.64 -14.67
CA TYR C 161 -26.87 5.01 -15.89
C TYR C 161 -27.96 3.93 -15.64
N SER C 162 -27.84 3.18 -14.55
CA SER C 162 -28.88 2.18 -14.19
C SER C 162 -30.28 2.81 -14.10
N TRP C 163 -30.32 4.10 -13.77
CA TRP C 163 -31.57 4.86 -13.62
C TRP C 163 -32.02 5.53 -14.94
N PHE C 164 -31.24 5.45 -16.00
CA PHE C 164 -31.58 6.20 -17.25
C PHE C 164 -32.93 5.75 -17.84
N GLU C 165 -33.23 4.44 -17.78
CA GLU C 165 -34.54 4.00 -18.28
C GLU C 165 -35.67 4.60 -17.46
N ALA C 166 -35.50 4.62 -16.14
CA ALA C 166 -36.50 5.27 -15.27
C ALA C 166 -36.61 6.76 -15.57
N TYR C 167 -35.49 7.45 -15.80
CA TYR C 167 -35.58 8.89 -16.11
C TYR C 167 -36.37 9.11 -17.40
N GLU C 168 -36.05 8.34 -18.43
CA GLU C 168 -36.73 8.43 -19.71
C GLU C 168 -38.24 8.11 -19.63
N LYS C 169 -38.60 7.09 -18.84
CA LYS C 169 -40.01 6.79 -18.57
C LYS C 169 -40.68 7.90 -17.83
N PHE C 170 -40.15 8.33 -16.68
CA PHE C 170 -40.85 9.26 -15.84
C PHE C 170 -40.76 10.70 -16.35
N GLY C 171 -39.86 10.95 -17.26
CA GLY C 171 -39.71 12.25 -17.83
C GLY C 171 -40.23 12.33 -19.25
N SER C 172 -40.73 11.19 -19.79
CA SER C 172 -41.15 11.04 -21.20
C SER C 172 -40.19 11.68 -22.14
N PHE C 173 -38.97 11.22 -22.18
CA PHE C 173 -37.97 11.79 -23.09
C PHE C 173 -36.88 10.79 -23.33
N SER C 174 -35.98 11.13 -24.26
CA SER C 174 -34.89 10.23 -24.65
C SER C 174 -33.52 10.85 -24.42
N ILE C 175 -32.70 10.17 -23.60
CA ILE C 175 -31.33 10.66 -23.34
C ILE C 175 -30.46 10.34 -24.52
N GLU C 176 -30.69 9.18 -25.14
CA GLU C 176 -29.89 8.81 -26.31
C GLU C 176 -29.99 9.84 -27.46
N ALA C 177 -31.18 10.41 -27.61
CA ALA C 177 -31.41 11.43 -28.65
C ALA C 177 -30.59 12.65 -28.37
N GLU C 178 -30.43 12.98 -27.10
CA GLU C 178 -29.68 14.19 -26.74
C GLU C 178 -28.19 13.98 -26.65
N CYS C 179 -27.80 12.82 -26.13
CA CYS C 179 -26.39 12.53 -25.78
C CYS C 179 -25.99 11.12 -26.24
N PRO C 180 -25.87 10.93 -27.57
CA PRO C 180 -25.54 9.57 -28.03
C PRO C 180 -24.17 9.07 -27.55
N LYS C 181 -23.16 9.93 -27.46
CA LYS C 181 -21.83 9.49 -27.07
C LYS C 181 -21.81 9.04 -25.63
N LEU C 182 -22.62 9.68 -24.82
CA LEU C 182 -22.67 9.30 -23.45
C LEU C 182 -23.37 7.95 -23.33
N ILE C 183 -24.40 7.70 -24.16
CA ILE C 183 -25.05 6.42 -24.15
C ILE C 183 -24.09 5.34 -24.60
N ALA C 184 -23.26 5.62 -25.60
CA ALA C 184 -22.28 4.64 -26.03
C ALA C 184 -21.33 4.27 -24.88
N TRP C 185 -20.90 5.31 -24.18
CA TRP C 185 -19.99 5.11 -23.01
C TRP C 185 -20.63 4.25 -21.96
N GLY C 186 -21.89 4.50 -21.62
CA GLY C 186 -22.63 3.68 -20.64
C GLY C 186 -22.70 2.22 -21.07
N LYS C 187 -22.99 1.99 -22.34
CA LYS C 187 -23.01 0.62 -22.88
C LYS C 187 -21.70 -0.10 -22.83
N ARG C 188 -20.62 0.60 -23.07
CA ARG C 188 -19.28 0.02 -22.90
C ARG C 188 -19.00 -0.30 -21.45
N CYS C 189 -19.32 0.61 -20.53
CA CYS C 189 -19.08 0.31 -19.12
C CYS C 189 -19.88 -0.90 -18.57
N VAL C 190 -21.12 -1.08 -18.98
CA VAL C 190 -21.98 -2.18 -18.48
C VAL C 190 -21.49 -3.57 -18.98
N GLU C 191 -20.56 -3.57 -19.94
CA GLU C 191 -19.81 -4.79 -20.34
C GLU C 191 -18.72 -5.21 -19.36
N ARG C 192 -18.28 -4.31 -18.50
CA ARG C 192 -17.26 -4.60 -17.55
C ARG C 192 -17.91 -5.41 -16.45
N GLU C 193 -17.29 -6.53 -16.09
CA GLU C 193 -17.85 -7.42 -15.05
C GLU C 193 -18.13 -6.64 -13.78
N SER C 194 -17.24 -5.72 -13.37
CA SER C 194 -17.44 -4.98 -12.06
C SER C 194 -18.74 -4.20 -12.05
N VAL C 195 -19.02 -3.58 -13.20
CA VAL C 195 -20.19 -2.79 -13.37
C VAL C 195 -21.47 -3.68 -13.52
N ALA C 196 -21.38 -4.73 -14.31
CA ALA C 196 -22.56 -5.57 -14.54
C ALA C 196 -23.00 -6.30 -13.24
N LYS C 197 -22.05 -6.64 -12.41
CA LYS C 197 -22.27 -7.26 -11.07
C LYS C 197 -22.93 -6.27 -10.12
N SER C 198 -22.60 -4.98 -10.24
CA SER C 198 -23.00 -4.00 -9.24
C SER C 198 -24.29 -3.25 -9.47
N LEU C 199 -24.64 -3.05 -10.71
CA LEU C 199 -25.81 -2.29 -11.05
C LEU C 199 -27.11 -3.15 -11.03
N PRO C 200 -28.19 -2.63 -10.49
CA PRO C 200 -29.47 -3.41 -10.57
C PRO C 200 -30.01 -3.35 -11.96
N ASP C 201 -30.91 -4.29 -12.25
CA ASP C 201 -31.67 -4.25 -13.49
C ASP C 201 -32.43 -2.90 -13.63
N SER C 202 -32.35 -2.29 -14.80
CA SER C 202 -33.08 -1.03 -15.06
C SER C 202 -34.60 -1.14 -14.87
N GLU C 203 -35.16 -2.31 -15.21
CA GLU C 203 -36.59 -2.59 -14.96
C GLU C 203 -36.93 -2.67 -13.48
N LYS C 204 -36.04 -3.22 -12.67
CA LYS C 204 -36.25 -3.27 -11.22
C LYS C 204 -36.39 -1.90 -10.60
N ILE C 205 -35.54 -0.99 -11.06
CA ILE C 205 -35.58 0.42 -10.66
C ILE C 205 -36.94 1.02 -11.07
N ILE C 206 -37.32 0.81 -12.32
CA ILE C 206 -38.63 1.38 -12.78
C ILE C 206 -39.78 0.89 -11.90
N LYS C 207 -39.81 -0.40 -11.62
CA LYS C 207 -40.85 -1.03 -10.80
C LYS C 207 -40.91 -0.48 -9.40
N PHE C 208 -39.74 -0.08 -8.86
CA PHE C 208 -39.62 0.45 -7.50
C PHE C 208 -40.07 1.89 -7.32
N VAL C 209 -40.00 2.71 -8.38
CA VAL C 209 -40.24 4.13 -8.22
C VAL C 209 -41.57 4.44 -7.51
N PRO C 210 -42.68 3.77 -7.89
CA PRO C 210 -43.93 4.18 -7.22
C PRO C 210 -43.94 3.90 -5.69
N GLU C 211 -43.42 2.74 -5.25
CA GLU C 211 -43.22 2.43 -3.83
C GLU C 211 -42.27 3.45 -3.20
N LEU C 212 -41.18 3.77 -3.90
CA LEU C 212 -40.21 4.79 -3.39
C LEU C 212 -40.84 6.18 -3.21
N ARG C 213 -41.60 6.60 -4.20
CA ARG C 213 -42.38 7.83 -4.05
C ARG C 213 -43.22 7.86 -2.78
N LYS C 214 -44.00 6.78 -2.54
CA LYS C 214 -44.86 6.69 -1.35
C LYS C 214 -43.99 6.81 -0.07
N LYS C 215 -42.87 6.07 -0.03
CA LYS C 215 -41.99 6.11 1.16
C LYS C 215 -41.40 7.48 1.41
N LEU C 216 -41.16 8.24 0.33
CA LEU C 216 -40.58 9.63 0.40
C LEU C 216 -41.63 10.75 0.53
N GLY C 217 -42.91 10.37 0.61
CA GLY C 217 -43.99 11.33 0.74
C GLY C 217 -44.25 12.15 -0.55
N ILE C 218 -43.96 11.57 -1.71
CA ILE C 218 -44.15 12.24 -3.00
C ILE C 218 -45.44 11.73 -3.61
N GLU C 219 -46.34 12.63 -3.98
CA GLU C 219 -47.66 12.24 -4.48
C GLU C 219 -47.74 12.54 -5.98
N ILE C 220 -47.76 11.51 -6.84
CA ILE C 220 -47.76 11.77 -8.31
C ILE C 220 -48.91 11.05 -9.11
N ASP D 3 9.08 27.38 -11.57
CA ASP D 3 7.58 27.34 -11.64
C ASP D 3 6.88 28.67 -11.53
N GLU D 4 5.82 28.80 -12.33
CA GLU D 4 4.96 29.92 -12.21
C GLU D 4 3.65 29.49 -11.52
N VAL D 5 3.26 30.27 -10.53
CA VAL D 5 2.03 30.01 -9.78
C VAL D 5 1.23 31.25 -9.71
N ILE D 6 0.01 31.24 -10.25
CA ILE D 6 -0.88 32.32 -10.21
C ILE D 6 -2.09 31.90 -9.40
N LEU D 7 -2.61 32.84 -8.62
CA LEU D 7 -3.87 32.59 -7.94
C LEU D 7 -4.85 33.63 -8.28
N LEU D 8 -5.90 33.25 -8.99
CA LEU D 8 -7.00 34.10 -9.24
C LEU D 8 -7.90 34.04 -8.01
N ASP D 9 -8.26 35.19 -7.45
CA ASP D 9 -8.99 35.18 -6.11
C ASP D 9 -9.77 36.45 -5.89
N PHE D 10 -10.61 36.50 -4.86
CA PHE D 10 -11.49 37.62 -4.53
C PHE D 10 -11.27 37.80 -3.02
N TRP D 11 -10.90 39.04 -2.57
CA TRP D 11 -10.23 39.21 -1.23
C TRP D 11 -11.03 38.61 -0.04
N PRO D 12 -12.36 38.80 0.03
CA PRO D 12 -13.06 38.22 1.20
C PRO D 12 -13.51 36.73 1.09
N SER D 13 -13.07 36.04 0.06
CA SER D 13 -13.50 34.68 -0.20
C SER D 13 -12.83 33.72 0.75
N MET D 14 -13.61 33.08 1.60
CA MET D 14 -13.00 32.10 2.53
C MET D 14 -12.44 30.88 1.77
N PHE D 15 -12.98 30.65 0.56
CA PHE D 15 -12.45 29.55 -0.28
C PHE D 15 -11.06 29.84 -0.84
N GLY D 16 -10.91 31.06 -1.35
CA GLY D 16 -9.62 31.53 -1.78
C GLY D 16 -8.57 31.57 -0.71
N MET D 17 -9.04 31.92 0.49
CA MET D 17 -8.11 31.95 1.66
C MET D 17 -7.47 30.67 1.85
N ARG D 18 -8.19 29.55 1.57
CA ARG D 18 -7.59 28.25 1.77
C ARG D 18 -6.33 28.06 0.94
N THR D 19 -6.41 28.45 -0.34
CA THR D 19 -5.28 28.20 -1.22
C THR D 19 -4.15 29.19 -0.86
N ARG D 20 -4.51 30.44 -0.52
CA ARG D 20 -3.48 31.42 -0.08
C ARG D 20 -2.66 30.79 1.07
N ILE D 21 -3.39 30.23 2.02
CA ILE D 21 -2.75 29.66 3.22
C ILE D 21 -1.91 28.49 2.89
N ALA D 22 -2.40 27.56 2.06
CA ALA D 22 -1.66 26.39 1.76
C ALA D 22 -0.33 26.76 1.05
N LEU D 23 -0.46 27.69 0.10
CA LEU D 23 0.76 28.16 -0.66
C LEU D 23 1.76 28.77 0.36
N GLU D 24 1.26 29.63 1.25
CA GLU D 24 2.14 30.21 2.30
C GLU D 24 2.74 29.15 3.20
N GLU D 25 1.98 28.09 3.56
CA GLU D 25 2.56 27.00 4.35
C GLU D 25 3.64 26.26 3.69
N LYS D 26 3.57 26.16 2.38
CA LYS D 26 4.63 25.50 1.61
C LYS D 26 5.76 26.49 1.16
N ASN D 27 5.61 27.76 1.52
CA ASN D 27 6.61 28.74 1.14
C ASN D 27 6.71 28.83 -0.39
N VAL D 28 5.57 28.82 -1.08
CA VAL D 28 5.55 28.89 -2.53
C VAL D 28 5.30 30.30 -2.86
N LYS D 29 6.13 30.86 -3.75
CA LYS D 29 5.82 32.23 -4.15
C LYS D 29 4.75 32.19 -5.26
N PHE D 30 3.83 33.11 -5.19
CA PHE D 30 2.76 33.12 -6.14
C PHE D 30 2.33 34.48 -6.42
N ASP D 31 1.69 34.61 -7.56
CA ASP D 31 1.12 35.84 -8.02
C ASP D 31 -0.32 35.93 -7.72
N TYR D 32 -0.73 36.80 -6.79
CA TYR D 32 -2.13 36.89 -6.41
C TYR D 32 -2.78 37.87 -7.36
N ARG D 33 -3.90 37.48 -7.98
CA ARG D 33 -4.65 38.38 -8.86
C ARG D 33 -6.08 38.58 -8.54
N GLU D 34 -6.44 39.75 -8.00
CA GLU D 34 -7.77 40.06 -7.59
C GLU D 34 -8.75 40.09 -8.73
N GLN D 35 -9.92 39.50 -8.52
CA GLN D 35 -10.88 39.37 -9.57
C GLN D 35 -12.10 40.10 -9.22
N ASP D 36 -12.74 40.69 -10.21
CA ASP D 36 -14.09 41.27 -10.08
C ASP D 36 -15.10 40.25 -10.60
N LEU D 37 -15.89 39.72 -9.70
CA LEU D 37 -16.82 38.66 -10.05
C LEU D 37 -18.10 39.16 -10.74
N TRP D 38 -18.29 40.49 -10.79
CA TRP D 38 -19.36 41.13 -11.54
C TRP D 38 -18.88 41.57 -12.93
N ASN D 39 -17.59 41.42 -13.21
CA ASN D 39 -17.01 41.77 -14.48
C ASN D 39 -15.87 40.80 -14.75
N LYS D 40 -16.24 39.52 -14.98
CA LYS D 40 -15.19 38.49 -14.91
C LYS D 40 -14.13 38.70 -15.94
N SER D 41 -12.89 38.42 -15.55
CA SER D 41 -11.77 38.58 -16.42
C SER D 41 -11.59 37.49 -17.47
N PRO D 42 -10.79 37.80 -18.52
CA PRO D 42 -10.61 36.78 -19.60
C PRO D 42 -9.90 35.53 -19.10
N ILE D 43 -8.90 35.77 -18.23
CA ILE D 43 -8.16 34.66 -17.67
C ILE D 43 -9.01 33.77 -16.70
N LEU D 44 -9.94 34.35 -15.98
CA LEU D 44 -10.85 33.54 -15.13
C LEU D 44 -11.80 32.74 -16.00
N LEU D 45 -12.34 33.39 -17.01
CA LEU D 45 -13.23 32.72 -17.95
C LEU D 45 -12.55 31.62 -18.74
N GLU D 46 -11.30 31.81 -19.08
CA GLU D 46 -10.52 30.76 -19.78
C GLU D 46 -10.14 29.57 -18.88
N MET D 47 -9.75 29.88 -17.67
CA MET D 47 -9.16 28.87 -16.77
C MET D 47 -10.21 28.05 -15.96
N ASN D 48 -11.41 28.59 -15.79
CA ASN D 48 -12.53 27.91 -15.12
C ASN D 48 -13.76 28.07 -15.96
N PRO D 49 -13.73 27.46 -17.19
CA PRO D 49 -14.88 27.60 -18.07
C PRO D 49 -16.14 26.96 -17.55
N VAL D 50 -16.00 25.89 -16.70
CA VAL D 50 -17.18 25.16 -16.30
C VAL D 50 -17.92 25.93 -15.25
N HIS D 51 -17.22 26.39 -14.22
CA HIS D 51 -17.94 27.07 -13.15
C HIS D 51 -17.77 28.59 -13.10
N LYS D 52 -16.73 29.09 -13.67
CA LYS D 52 -16.36 30.53 -13.73
C LYS D 52 -16.23 31.17 -12.34
N LYS D 53 -15.59 30.42 -11.46
CA LYS D 53 -15.49 30.75 -10.06
C LYS D 53 -14.08 30.78 -9.64
N ILE D 54 -13.83 31.61 -8.62
CA ILE D 54 -12.53 31.63 -7.91
C ILE D 54 -12.64 30.72 -6.64
N PRO D 55 -11.53 30.33 -6.02
CA PRO D 55 -10.18 30.51 -6.52
C PRO D 55 -9.86 29.63 -7.71
N VAL D 56 -8.91 30.09 -8.48
CA VAL D 56 -8.27 29.21 -9.48
C VAL D 56 -6.82 29.30 -9.32
N LEU D 57 -6.18 28.15 -9.18
CA LEU D 57 -4.77 28.03 -9.09
C LEU D 57 -4.20 27.63 -10.47
N ILE D 58 -3.30 28.47 -11.03
CA ILE D 58 -2.69 28.17 -12.32
C ILE D 58 -1.26 27.87 -12.10
N HIS D 59 -0.86 26.62 -12.38
CA HIS D 59 0.51 26.18 -12.19
C HIS D 59 1.17 25.85 -13.57
N ASN D 60 2.17 26.66 -13.94
CA ASN D 60 2.77 26.62 -15.30
C ASN D 60 1.73 26.54 -16.42
N GLY D 61 0.73 27.40 -16.31
CA GLY D 61 -0.37 27.48 -17.28
C GLY D 61 -1.49 26.47 -17.18
N ASN D 62 -1.42 25.54 -16.23
CA ASN D 62 -2.44 24.49 -16.04
C ASN D 62 -3.35 24.86 -14.83
N PRO D 63 -4.65 24.98 -15.05
CA PRO D 63 -5.51 25.44 -13.99
C PRO D 63 -6.01 24.27 -13.13
N VAL D 64 -6.06 24.50 -11.82
CA VAL D 64 -6.65 23.52 -10.86
C VAL D 64 -7.79 24.28 -10.21
N CYS D 65 -9.00 23.81 -10.38
CA CYS D 65 -10.17 24.43 -9.83
C CYS D 65 -10.64 23.65 -8.59
N GLU D 66 -11.42 24.33 -7.77
CA GLU D 66 -11.96 23.85 -6.51
C GLU D 66 -10.88 23.92 -5.36
N SER D 67 -11.19 24.76 -4.37
CA SER D 67 -10.29 25.01 -3.26
C SER D 67 -9.75 23.79 -2.54
N LEU D 68 -10.58 22.84 -2.16
CA LEU D 68 -10.01 21.66 -1.48
C LEU D 68 -9.15 20.82 -2.37
N ILE D 69 -9.53 20.74 -3.63
CA ILE D 69 -8.69 20.04 -4.63
C ILE D 69 -7.32 20.74 -4.75
N GLN D 70 -7.34 22.06 -4.73
CA GLN D 70 -6.07 22.84 -4.79
C GLN D 70 -5.16 22.58 -3.61
N ILE D 71 -5.74 22.46 -2.40
CA ILE D 71 -4.95 22.18 -1.16
C ILE D 71 -4.29 20.82 -1.34
N GLU D 72 -5.03 19.83 -1.83
CA GLU D 72 -4.45 18.50 -2.05
C GLU D 72 -3.35 18.43 -3.13
N TYR D 73 -3.61 19.11 -4.24
CA TYR D 73 -2.60 19.26 -5.31
C TYR D 73 -1.31 19.93 -4.76
N ILE D 74 -1.49 21.01 -4.05
CA ILE D 74 -0.37 21.75 -3.41
C ILE D 74 0.43 20.82 -2.53
N ASP D 75 -0.27 20.04 -1.74
CA ASP D 75 0.42 19.12 -0.85
C ASP D 75 1.20 18.06 -1.51
N GLU D 76 0.72 17.58 -2.64
CA GLU D 76 1.38 16.50 -3.36
C GLU D 76 2.55 17.05 -4.18
N VAL D 77 2.38 18.23 -4.71
CA VAL D 77 3.37 18.87 -5.66
C VAL D 77 4.58 19.53 -4.94
N TRP D 78 4.34 20.10 -3.75
CA TRP D 78 5.40 20.67 -2.87
C TRP D 78 5.42 19.75 -1.62
N PRO D 79 5.88 18.51 -1.70
CA PRO D 79 5.80 17.65 -0.51
C PRO D 79 6.67 18.16 0.65
N SER D 80 6.26 17.88 1.90
CA SER D 80 6.80 18.52 3.13
C SER D 80 7.12 17.48 4.15
N LYS D 81 8.06 17.78 5.03
CA LYS D 81 8.29 16.98 6.26
C LYS D 81 6.96 16.89 7.03
N THR D 82 6.29 18.03 7.20
CA THR D 82 4.90 18.02 7.79
C THR D 82 3.76 18.22 6.75
N PRO D 83 3.22 17.12 6.27
CA PRO D 83 2.21 17.20 5.18
C PRO D 83 0.86 17.76 5.63
N LEU D 84 0.13 18.42 4.73
CA LEU D 84 -1.19 18.96 5.04
C LEU D 84 -2.24 17.84 5.20
N LEU D 85 -2.04 16.76 4.46
CA LEU D 85 -2.83 15.56 4.52
C LEU D 85 -1.96 14.39 4.95
N PRO D 86 -2.48 13.53 5.87
CA PRO D 86 -1.73 12.38 6.35
C PRO D 86 -1.44 11.38 5.21
N SER D 87 -0.39 10.59 5.31
CA SER D 87 -0.15 9.57 4.30
C SER D 87 -0.95 8.30 4.56
N ASP D 88 -1.30 8.04 5.83
CA ASP D 88 -2.12 6.85 6.15
C ASP D 88 -3.49 6.94 5.42
N PRO D 89 -3.87 5.92 4.64
CA PRO D 89 -5.11 6.11 3.84
C PRO D 89 -6.39 6.31 4.70
N TYR D 90 -6.47 5.64 5.82
CA TYR D 90 -7.61 5.86 6.71
C TYR D 90 -7.67 7.26 7.29
N GLN D 91 -6.54 7.77 7.82
CA GLN D 91 -6.52 9.11 8.38
C GLN D 91 -6.79 10.16 7.30
N ARG D 92 -6.30 9.82 6.10
CA ARG D 92 -6.53 10.75 4.92
C ARG D 92 -8.01 10.82 4.69
N ALA D 93 -8.65 9.65 4.60
CA ALA D 93 -10.07 9.58 4.38
C ALA D 93 -10.90 10.34 5.43
N GLN D 94 -10.48 10.28 6.66
CA GLN D 94 -11.14 11.09 7.73
C GLN D 94 -10.95 12.59 7.54
N ALA D 95 -9.74 13.05 7.19
CA ALA D 95 -9.54 14.47 6.86
C ALA D 95 -10.42 14.91 5.69
N LYS D 96 -10.51 14.09 4.61
CA LYS D 96 -11.37 14.41 3.50
C LYS D 96 -12.82 14.53 3.91
N PHE D 97 -13.25 13.60 4.73
CA PHE D 97 -14.59 13.64 5.28
C PHE D 97 -14.97 15.00 5.88
N TRP D 98 -14.08 15.50 6.76
CA TRP D 98 -14.30 16.78 7.40
C TRP D 98 -14.23 17.98 6.46
N GLY D 99 -13.34 17.96 5.47
CA GLY D 99 -13.39 18.97 4.39
C GLY D 99 -14.68 19.03 3.62
N ASP D 100 -15.21 17.82 3.25
CA ASP D 100 -16.44 17.68 2.60
C ASP D 100 -17.57 18.26 3.48
N PHE D 101 -17.54 17.93 4.76
CA PHE D 101 -18.57 18.41 5.68
C PHE D 101 -18.62 19.96 5.69
N ILE D 102 -17.45 20.57 5.78
CA ILE D 102 -17.30 22.03 5.81
C ILE D 102 -17.86 22.63 4.51
N ASP D 103 -17.44 22.10 3.36
CA ASP D 103 -18.00 22.60 2.05
C ASP D 103 -19.49 22.46 1.97
N LYS D 104 -20.05 21.33 2.46
CA LYS D 104 -21.49 21.14 2.37
C LYS D 104 -22.30 22.02 3.29
N LYS D 105 -21.83 22.26 4.47
CA LYS D 105 -22.66 22.75 5.55
C LYS D 105 -22.42 24.17 5.96
N VAL D 106 -21.17 24.63 6.03
CA VAL D 106 -20.91 25.95 6.71
C VAL D 106 -21.44 27.19 5.94
N TYR D 107 -21.04 27.34 4.67
CA TYR D 107 -21.40 28.53 3.93
C TYR D 107 -22.91 28.68 3.79
N ALA D 108 -23.61 27.61 3.53
CA ALA D 108 -25.08 27.74 3.25
C ALA D 108 -25.87 28.28 4.45
N SER D 109 -25.49 27.84 5.66
CA SER D 109 -26.09 28.40 6.82
C SER D 109 -25.57 29.81 7.11
N ALA D 110 -24.27 30.03 6.99
CA ALA D 110 -23.63 31.35 7.29
C ALA D 110 -24.21 32.49 6.40
N ARG D 111 -24.48 32.14 5.17
CA ARG D 111 -25.06 33.13 4.17
C ARG D 111 -26.45 33.66 4.66
N LEU D 112 -27.24 32.80 5.32
CA LEU D 112 -28.51 33.20 5.92
C LEU D 112 -28.39 34.20 7.10
N ILE D 113 -27.20 34.29 7.70
CA ILE D 113 -26.99 35.19 8.79
C ILE D 113 -26.85 36.63 8.28
N TRP D 114 -25.94 36.86 7.36
CA TRP D 114 -25.75 38.22 6.86
C TRP D 114 -26.62 38.53 5.59
N GLY D 115 -27.19 37.53 4.94
CA GLY D 115 -27.79 37.72 3.65
C GLY D 115 -29.27 37.42 3.58
N ALA D 116 -29.91 37.27 4.74
CA ALA D 116 -31.34 37.00 4.80
C ALA D 116 -31.91 37.69 6.03
N LYS D 117 -33.23 37.81 6.05
CA LYS D 117 -33.97 38.40 7.17
C LYS D 117 -35.02 37.43 7.61
N GLY D 118 -35.61 37.68 8.79
CA GLY D 118 -36.82 36.93 9.19
C GLY D 118 -36.60 35.50 9.63
N GLU D 119 -37.59 34.62 9.37
CA GLU D 119 -37.64 33.20 9.85
C GLU D 119 -36.42 32.39 9.34
N GLU D 120 -36.14 32.58 8.06
CA GLU D 120 -35.04 31.98 7.32
C GLU D 120 -33.68 32.31 7.96
N HIS D 121 -33.53 33.58 8.31
CA HIS D 121 -32.37 34.14 8.99
C HIS D 121 -32.14 33.59 10.38
N GLU D 122 -33.21 33.45 11.14
CA GLU D 122 -33.11 32.84 12.47
C GLU D 122 -32.81 31.32 12.44
N ALA D 123 -33.45 30.62 11.52
CA ALA D 123 -33.20 29.18 11.30
C ALA D 123 -31.74 28.94 10.82
N GLY D 124 -31.25 29.81 9.94
CA GLY D 124 -29.88 29.78 9.46
C GLY D 124 -28.85 30.01 10.60
N LYS D 125 -29.11 30.95 11.50
CA LYS D 125 -28.22 31.12 12.67
C LYS D 125 -28.20 29.85 13.56
N LYS D 126 -29.38 29.27 13.80
CA LYS D 126 -29.50 28.06 14.61
C LYS D 126 -28.73 26.90 14.02
N GLU D 127 -28.91 26.69 12.71
CA GLU D 127 -28.21 25.59 12.06
C GLU D 127 -26.69 25.84 12.05
N PHE D 128 -26.27 27.06 11.79
CA PHE D 128 -24.86 27.45 11.78
C PHE D 128 -24.21 27.12 13.13
N ILE D 129 -24.91 27.42 14.19
CA ILE D 129 -24.33 27.07 15.50
C ILE D 129 -24.21 25.57 15.72
N GLU D 130 -25.25 24.83 15.33
CA GLU D 130 -25.16 23.35 15.45
C GLU D 130 -23.96 22.80 14.65
N ILE D 131 -23.77 23.34 13.47
CA ILE D 131 -22.69 22.89 12.59
C ILE D 131 -21.35 23.20 13.27
N LEU D 132 -21.21 24.42 13.80
CA LEU D 132 -19.97 24.71 14.55
C LEU D 132 -19.76 23.81 15.75
N LYS D 133 -20.82 23.47 16.48
CA LYS D 133 -20.67 22.56 17.62
C LYS D 133 -20.21 21.19 17.16
N THR D 134 -20.75 20.72 16.01
CA THR D 134 -20.26 19.43 15.45
C THR D 134 -18.76 19.49 15.18
N LEU D 135 -18.33 20.57 14.50
CA LEU D 135 -16.88 20.75 14.22
C LEU D 135 -16.06 20.87 15.49
N GLU D 136 -16.59 21.63 16.47
CA GLU D 136 -15.91 21.75 17.73
C GLU D 136 -15.73 20.39 18.39
N SER D 137 -16.75 19.54 18.34
CA SER D 137 -16.63 18.17 18.92
C SER D 137 -15.56 17.34 18.25
N GLU D 138 -15.47 17.48 16.94
CA GLU D 138 -14.44 16.79 16.22
C GLU D 138 -13.04 17.26 16.66
N LEU D 139 -12.86 18.58 16.75
CA LEU D 139 -11.62 19.13 17.18
C LEU D 139 -11.22 18.58 18.59
N GLY D 140 -12.22 18.53 19.47
CA GLY D 140 -11.95 18.10 20.83
C GLY D 140 -10.97 18.98 21.51
N ASP D 141 -9.99 18.34 22.16
CA ASP D 141 -9.02 19.04 22.96
C ASP D 141 -7.69 19.19 22.21
N LYS D 142 -7.70 18.84 20.92
CA LYS D 142 -6.45 18.93 20.09
C LYS D 142 -6.09 20.35 19.77
N THR D 143 -4.83 20.59 19.47
CA THR D 143 -4.32 21.89 19.13
C THR D 143 -4.91 22.34 17.74
N TYR D 144 -4.92 21.40 16.79
CA TYR D 144 -5.48 21.60 15.46
C TYR D 144 -6.40 20.45 15.08
N PHE D 145 -7.23 20.69 14.08
CA PHE D 145 -8.01 19.53 13.52
C PHE D 145 -7.06 18.48 13.04
N GLY D 146 -5.91 18.89 12.54
CA GLY D 146 -4.81 17.95 12.14
C GLY D 146 -4.01 17.35 13.30
N GLY D 147 -4.42 17.61 14.56
CA GLY D 147 -3.79 17.04 15.76
C GLY D 147 -2.71 18.03 16.16
N GLU D 148 -1.47 17.60 16.17
CA GLU D 148 -0.36 18.47 16.50
C GLU D 148 0.11 19.26 15.32
N THR D 149 -0.35 18.94 14.12
CA THR D 149 0.09 19.70 12.93
C THR D 149 -1.11 20.37 12.25
N PHE D 150 -0.93 21.60 11.82
CA PHE D 150 -1.91 22.37 11.11
C PHE D 150 -2.10 21.79 9.73
N GLY D 151 -3.32 21.35 9.44
CA GLY D 151 -3.59 20.56 8.25
C GLY D 151 -4.78 20.96 7.42
N TYR D 152 -5.06 20.06 6.46
CA TYR D 152 -6.18 20.18 5.48
C TYR D 152 -7.48 20.67 6.06
N VAL D 153 -7.90 20.04 7.13
CA VAL D 153 -9.17 20.47 7.75
C VAL D 153 -9.10 21.86 8.42
N ASP D 154 -8.00 22.15 9.12
CA ASP D 154 -7.80 23.49 9.65
C ASP D 154 -7.88 24.60 8.58
N ILE D 155 -7.18 24.34 7.47
CA ILE D 155 -7.21 25.28 6.30
C ILE D 155 -8.58 25.38 5.73
N ALA D 156 -9.30 24.25 5.64
CA ALA D 156 -10.66 24.29 5.13
C ALA D 156 -11.57 25.20 5.88
N LEU D 157 -11.41 25.23 7.19
CA LEU D 157 -12.30 25.97 8.07
C LEU D 157 -11.86 27.44 8.40
N ILE D 158 -10.59 27.63 8.47
CA ILE D 158 -10.04 28.90 9.05
C ILE D 158 -10.39 30.20 8.30
N GLY D 159 -10.57 30.12 6.97
CA GLY D 159 -11.06 31.30 6.24
C GLY D 159 -12.40 31.84 6.77
N PHE D 160 -13.31 30.95 7.18
CA PHE D 160 -14.55 31.35 7.74
C PHE D 160 -14.36 32.20 9.02
N TYR D 161 -13.30 31.91 9.76
CA TYR D 161 -13.03 32.67 11.02
C TYR D 161 -12.94 34.16 10.80
N SER D 162 -12.46 34.60 9.63
CA SER D 162 -12.34 36.04 9.33
C SER D 162 -13.66 36.71 9.23
N TRP D 163 -14.68 35.92 8.95
CA TRP D 163 -16.06 36.39 8.95
C TRP D 163 -16.83 36.29 10.26
N PHE D 164 -16.25 35.67 11.27
CA PHE D 164 -17.02 35.50 12.51
C PHE D 164 -17.55 36.81 13.10
N GLU D 165 -16.72 37.84 13.11
CA GLU D 165 -17.19 39.16 13.67
C GLU D 165 -18.37 39.65 12.89
N ALA D 166 -18.29 39.53 11.55
CA ALA D 166 -19.50 39.86 10.73
C ALA D 166 -20.73 39.03 10.97
N TYR D 167 -20.54 37.71 11.15
CA TYR D 167 -21.68 36.89 11.50
C TYR D 167 -22.31 37.34 12.83
N GLU D 168 -21.49 37.58 13.82
CA GLU D 168 -21.97 38.03 15.14
C GLU D 168 -22.73 39.37 15.07
N LYS D 169 -22.20 40.27 14.27
CA LYS D 169 -22.84 41.60 14.08
C LYS D 169 -24.12 41.48 13.35
N PHE D 170 -24.11 40.83 12.20
CA PHE D 170 -25.34 40.70 11.43
C PHE D 170 -26.32 39.68 11.89
N GLY D 171 -25.91 38.77 12.77
CA GLY D 171 -26.83 37.86 13.40
C GLY D 171 -27.16 38.18 14.87
N SER D 172 -26.58 39.27 15.39
CA SER D 172 -26.74 39.72 16.84
C SER D 172 -26.59 38.52 17.76
N PHE D 173 -25.45 37.85 17.67
CA PHE D 173 -25.21 36.72 18.56
C PHE D 173 -23.70 36.57 18.78
N SER D 174 -23.34 35.58 19.63
CA SER D 174 -21.97 35.36 20.03
C SER D 174 -21.56 33.89 19.79
N ILE D 175 -20.52 33.70 18.96
CA ILE D 175 -20.01 32.39 18.68
C ILE D 175 -19.16 31.94 19.84
N GLU D 176 -18.41 32.87 20.45
CA GLU D 176 -17.54 32.48 21.57
C GLU D 176 -18.35 31.92 22.76
N ALA D 177 -19.55 32.48 22.98
CA ALA D 177 -20.45 31.93 24.07
C ALA D 177 -20.87 30.53 23.76
N GLU D 178 -21.04 30.19 22.46
CA GLU D 178 -21.51 28.84 22.09
C GLU D 178 -20.41 27.84 21.97
N CYS D 179 -19.25 28.26 21.42
CA CYS D 179 -18.15 27.40 21.03
C CYS D 179 -16.82 27.98 21.44
N PRO D 180 -16.57 28.06 22.77
CA PRO D 180 -15.27 28.63 23.20
C PRO D 180 -14.04 27.92 22.75
N LYS D 181 -14.08 26.60 22.65
CA LYS D 181 -12.88 25.90 22.20
C LYS D 181 -12.60 26.17 20.72
N LEU D 182 -13.65 26.32 19.93
CA LEU D 182 -13.42 26.58 18.48
C LEU D 182 -12.82 27.99 18.34
N ILE D 183 -13.28 28.93 19.17
CA ILE D 183 -12.70 30.29 19.16
C ILE D 183 -11.28 30.28 19.56
N ALA D 184 -10.91 29.44 20.54
CA ALA D 184 -9.50 29.31 20.92
C ALA D 184 -8.63 28.80 19.78
N TRP D 185 -9.18 27.83 19.05
CA TRP D 185 -8.55 27.24 17.87
C TRP D 185 -8.29 28.27 16.79
N GLY D 186 -9.28 29.08 16.54
CA GLY D 186 -9.19 30.13 15.56
C GLY D 186 -8.04 31.05 15.91
N LYS D 187 -8.01 31.50 17.15
CA LYS D 187 -6.95 32.37 17.63
C LYS D 187 -5.57 31.75 17.48
N ARG D 188 -5.44 30.49 17.80
CA ARG D 188 -4.17 29.77 17.65
C ARG D 188 -3.76 29.74 16.18
N CYS D 189 -4.72 29.44 15.30
CA CYS D 189 -4.38 29.46 13.85
C CYS D 189 -3.91 30.89 13.37
N VAL D 190 -4.60 31.92 13.79
CA VAL D 190 -4.31 33.31 13.38
C VAL D 190 -2.90 33.73 13.83
N GLU D 191 -2.27 33.01 14.76
CA GLU D 191 -0.88 33.25 15.15
C GLU D 191 0.10 32.71 14.15
N ARG D 192 -0.33 31.79 13.29
CA ARG D 192 0.54 31.28 12.26
C ARG D 192 0.70 32.35 11.16
N GLU D 193 1.92 32.54 10.73
CA GLU D 193 2.20 33.58 9.68
C GLU D 193 1.35 33.33 8.40
N SER D 194 1.23 32.08 7.97
CA SER D 194 0.44 31.73 6.71
C SER D 194 -0.95 32.25 6.80
N VAL D 195 -1.54 32.15 8.00
CA VAL D 195 -2.88 32.60 8.23
C VAL D 195 -3.00 34.09 8.38
N ALA D 196 -2.16 34.68 9.22
CA ALA D 196 -2.26 36.09 9.51
C ALA D 196 -2.06 36.95 8.16
N LYS D 197 -1.24 36.43 7.28
CA LYS D 197 -0.92 37.02 5.94
C LYS D 197 -2.16 36.92 5.03
N SER D 198 -2.93 35.82 5.17
CA SER D 198 -3.91 35.43 4.16
C SER D 198 -5.27 35.95 4.45
N LEU D 199 -5.62 36.10 5.73
CA LEU D 199 -6.95 36.55 6.08
C LEU D 199 -7.10 38.07 6.05
N PRO D 200 -8.20 38.59 5.49
CA PRO D 200 -8.44 40.01 5.66
C PRO D 200 -8.78 40.37 7.12
N ASP D 201 -8.61 41.66 7.43
CA ASP D 201 -9.09 42.26 8.65
C ASP D 201 -10.58 42.05 8.81
N SER D 202 -11.01 41.57 9.97
CA SER D 202 -12.46 41.33 10.25
C SER D 202 -13.35 42.55 10.05
N GLU D 203 -12.81 43.73 10.39
CA GLU D 203 -13.52 45.01 10.24
C GLU D 203 -13.69 45.37 8.73
N LYS D 204 -12.70 45.03 7.91
CA LYS D 204 -12.82 45.23 6.45
C LYS D 204 -14.00 44.45 5.89
N ILE D 205 -14.17 43.20 6.35
CA ILE D 205 -15.34 42.41 6.01
C ILE D 205 -16.64 43.03 6.45
N ILE D 206 -16.74 43.42 7.71
CA ILE D 206 -17.93 44.07 8.20
C ILE D 206 -18.28 45.29 7.31
N LYS D 207 -17.28 46.11 7.02
CA LYS D 207 -17.49 47.35 6.19
C LYS D 207 -17.98 47.05 4.81
N PHE D 208 -17.58 45.91 4.27
CA PHE D 208 -17.99 45.46 2.97
C PHE D 208 -19.39 44.87 2.85
N VAL D 209 -19.95 44.30 3.92
CA VAL D 209 -21.20 43.59 3.81
C VAL D 209 -22.35 44.42 3.18
N PRO D 210 -22.55 45.71 3.62
CA PRO D 210 -23.67 46.47 2.99
C PRO D 210 -23.53 46.63 1.44
N GLU D 211 -22.32 46.94 0.96
CA GLU D 211 -22.00 46.97 -0.51
C GLU D 211 -22.24 45.60 -1.16
N LEU D 212 -21.78 44.55 -0.47
CA LEU D 212 -21.96 43.17 -0.97
C LEU D 212 -23.41 42.78 -1.07
N ARG D 213 -24.21 43.12 -0.04
CA ARG D 213 -25.64 42.90 -0.11
C ARG D 213 -26.27 43.54 -1.38
N LYS D 214 -25.94 44.80 -1.64
CA LYS D 214 -26.49 45.52 -2.85
C LYS D 214 -26.08 44.78 -4.12
N LYS D 215 -24.82 44.41 -4.21
CA LYS D 215 -24.33 43.68 -5.42
C LYS D 215 -24.97 42.33 -5.65
N LEU D 216 -25.37 41.67 -4.57
CA LEU D 216 -26.10 40.40 -4.60
C LEU D 216 -27.63 40.52 -4.68
N GLY D 217 -28.15 41.76 -4.70
CA GLY D 217 -29.59 42.01 -4.75
C GLY D 217 -30.32 41.73 -3.46
N ILE D 218 -29.64 41.87 -2.33
CA ILE D 218 -30.23 41.57 -1.02
C ILE D 218 -30.64 42.91 -0.42
N GLU D 219 -31.89 43.06 0.00
CA GLU D 219 -32.41 44.31 0.61
C GLU D 219 -32.59 44.12 2.13
N ILE D 220 -31.68 44.71 2.93
CA ILE D 220 -31.71 44.63 4.40
C ILE D 220 -31.24 45.98 4.97
N1 GSH E . 24.59 -16.93 5.80
CA1 GSH E . 25.52 -16.33 6.69
C1 GSH E . 25.56 -14.83 6.33
O11 GSH E . 25.24 -14.44 5.20
O12 GSH E . 25.85 -14.03 7.24
CB1 GSH E . 26.87 -17.04 6.30
CG1 GSH E . 27.93 -16.52 7.28
CD1 GSH E . 29.15 -17.46 7.31
OE1 GSH E . 29.26 -18.43 6.58
N2 GSH E . 30.10 -17.16 8.21
CA2 GSH E . 31.32 -17.92 8.29
C2 GSH E . 31.55 -18.35 9.69
O2 GSH E . 31.45 -17.52 10.57
CB2 GSH E . 32.51 -17.06 7.81
SG2 GSH E . 32.33 -16.21 6.25
N3 GSH E . 31.91 -19.61 9.88
CA3 GSH E . 32.17 -20.10 11.24
C3 GSH E . 32.22 -21.59 11.15
O31 GSH E . 32.72 -22.18 12.11
O32 GSH E . 31.76 -22.17 10.12
N1 GSH F . 34.13 -24.51 8.69
CA1 GSH F . 33.86 -23.50 7.65
C1 GSH F . 34.05 -24.06 6.27
O11 GSH F . 33.72 -23.37 5.27
O12 GSH F . 34.54 -25.20 6.14
CB1 GSH F . 34.85 -22.36 7.92
CG1 GSH F . 34.98 -21.21 6.91
CD1 GSH F . 33.65 -20.56 6.59
OE1 GSH F . 32.64 -20.64 7.31
N2 GSH F . 33.62 -19.96 5.40
CA2 GSH F . 32.39 -19.34 4.84
C2 GSH F . 31.47 -20.29 4.06
O2 GSH F . 30.58 -19.75 3.44
CB2 GSH F . 32.76 -18.05 4.11
SG2 GSH F . 33.85 -16.95 5.07
N3 GSH F . 31.65 -21.63 4.16
CA3 GSH F . 30.91 -22.74 3.47
C3 GSH F . 29.61 -23.27 4.11
O31 GSH F . 29.09 -22.53 4.96
O32 GSH F . 29.01 -24.32 3.70
N1 GSH G . 13.03 -22.28 -1.52
CA1 GSH G . 11.85 -22.50 -2.34
C1 GSH G . 10.64 -21.80 -1.67
O11 GSH G . 10.60 -21.63 -0.46
O12 GSH G . 9.72 -21.46 -2.39
CB1 GSH G . 11.67 -24.03 -2.30
CG1 GSH G . 10.51 -24.48 -3.18
CD1 GSH G . 10.75 -25.95 -3.62
OE1 GSH G . 11.61 -26.70 -3.18
N2 GSH G . 9.84 -26.37 -4.46
CA2 GSH G . 9.76 -27.76 -4.91
C2 GSH G . 9.82 -27.82 -6.35
O2 GSH G . 9.09 -27.10 -7.10
CB2 GSH G . 8.39 -28.31 -4.52
SG2 GSH G . 8.16 -28.19 -2.75
N3 GSH G . 10.63 -28.70 -6.86
CA3 GSH G . 10.74 -28.83 -8.29
C3 GSH G . 11.94 -29.71 -8.70
O31 GSH G . 12.12 -30.03 -9.87
O32 GSH G . 12.72 -29.99 -7.82
N1 GSH H . 13.59 -33.24 -7.18
CA1 GSH H . 12.97 -32.88 -5.93
C1 GSH H . 13.48 -33.71 -4.79
O11 GSH H . 13.84 -34.91 -4.93
O12 GSH H . 13.57 -33.21 -3.66
CB1 GSH H . 11.45 -33.05 -6.22
CG1 GSH H . 10.49 -32.76 -5.06
CD1 GSH H . 10.87 -31.48 -4.34
OE1 GSH H . 11.45 -30.53 -4.91
N2 GSH H . 10.56 -31.46 -3.04
CA2 GSH H . 10.76 -30.27 -2.23
C2 GSH H . 12.12 -30.11 -1.58
O2 GSH H . 12.25 -29.32 -0.65
CB2 GSH H . 9.61 -30.33 -1.18
SG2 GSH H . 8.05 -30.05 -2.00
N3 GSH H . 13.16 -30.86 -2.01
CA3 GSH H . 14.50 -30.79 -1.39
C3 GSH H . 15.43 -29.93 -2.22
O31 GSH H . 14.93 -29.26 -3.15
O32 GSH H . 16.65 -29.92 -1.92
N1 GSH I . -22.80 12.18 -0.53
CA1 GSH I . -23.08 10.83 -0.08
C1 GSH I . -22.16 9.83 -0.76
O11 GSH I . -21.81 10.04 -1.91
O12 GSH I . -21.82 8.80 -0.11
CB1 GSH I . -24.57 10.61 -0.48
CG1 GSH I . -25.16 9.30 0.07
CD1 GSH I . -26.66 9.40 0.28
OE1 GSH I . -27.27 10.40 -0.08
N2 GSH I . -27.23 8.35 0.87
CA2 GSH I . -28.67 8.16 0.97
C2 GSH I . -29.07 7.91 2.35
O2 GSH I . -28.47 7.13 3.05
CB2 GSH I . -29.10 7.02 0.11
SG2 GSH I . -28.43 7.13 -1.55
N3 GSH I . -30.09 8.64 2.85
CA3 GSH I . -30.48 8.38 4.23
C3 GSH I . -31.39 9.46 4.73
O31 GSH I . -31.55 10.44 3.98
O32 GSH I . -31.91 9.28 5.82
N1 GSH J . -34.40 11.64 2.84
CA1 GSH J . -33.83 11.43 1.53
C1 GSH J . -34.46 12.29 0.43
O11 GSH J . -33.74 12.78 -0.50
O12 GSH J . -35.69 12.51 0.42
CB1 GSH J . -34.00 9.90 1.41
CG1 GSH J . -33.52 9.30 0.11
CD1 GSH J . -32.08 9.75 -0.17
OE1 GSH J . -31.34 10.14 0.76
N2 GSH J . -31.74 9.69 -1.48
CA2 GSH J . -30.39 10.06 -1.94
C2 GSH J . -30.19 11.49 -2.25
O2 GSH J . -29.15 11.78 -2.84
CB2 GSH J . -30.14 9.18 -3.20
SG2 GSH J . -30.07 7.45 -2.70
N3 GSH J . -31.11 12.38 -1.87
CA3 GSH J . -30.99 13.81 -2.11
C3 GSH J . -30.20 14.53 -1.05
O31 GSH J . -30.20 15.78 -1.12
O32 GSH J . -29.62 13.86 -0.18
N1 GSH K . -16.50 25.13 -4.29
CA1 GSH K . -15.73 26.24 -4.82
C1 GSH K . -14.42 26.19 -4.14
O11 GSH K . -14.37 25.61 -3.03
O12 GSH K . -13.36 26.63 -4.68
CB1 GSH K . -16.55 27.50 -4.50
CG1 GSH K . -15.88 28.79 -4.85
CD1 GSH K . -16.93 29.92 -4.92
OE1 GSH K . -18.09 29.86 -4.50
N2 GSH K . -16.45 31.03 -5.53
CA2 GSH K . -17.22 32.27 -5.61
C2 GSH K . -17.37 32.74 -7.04
O2 GSH K . -16.33 32.83 -7.73
CB2 GSH K . -16.46 33.30 -4.78
SG2 GSH K . -16.26 32.74 -3.01
N3 GSH K . -18.58 33.06 -7.39
CA3 GSH K . -18.74 33.75 -8.67
C3 GSH K . -20.14 33.67 -9.14
O31 GSH K . -20.30 34.23 -10.25
O32 GSH K . -21.04 33.07 -8.48
N1 GSH L . -23.88 34.48 -7.26
CA1 GSH L . -23.14 34.29 -6.03
C1 GSH L . -24.07 34.27 -4.83
O11 GSH L . -25.21 34.80 -4.88
O12 GSH L . -23.73 33.70 -3.76
CB1 GSH L . -22.03 35.40 -6.03
CG1 GSH L . -21.21 35.49 -4.72
CD1 GSH L . -20.66 34.11 -4.37
OE1 GSH L . -20.51 33.27 -5.26
N2 GSH L . -20.38 33.85 -3.11
CA2 GSH L . -19.79 32.54 -2.75
C2 GSH L . -20.76 31.37 -2.46
O2 GSH L . -20.32 30.33 -1.90
CB2 GSH L . -18.79 32.78 -1.61
SG2 GSH L . -17.52 33.99 -1.99
N3 GSH L . -22.06 31.51 -2.84
CA3 GSH L . -23.07 30.48 -2.62
C3 GSH L . -23.02 29.39 -3.69
O31 GSH L . -23.87 28.47 -3.64
O32 GSH L . -22.12 29.43 -4.58
#